data_9I53
#
_entry.id   9I53
#
_cell.length_a   59.577
_cell.length_b   70.643
_cell.length_c   85.885
_cell.angle_alpha   102.99
_cell.angle_beta   95.29
_cell.angle_gamma   112.53
#
_symmetry.space_group_name_H-M   'P 1'
#
loop_
_entity.id
_entity.type
_entity.pdbx_description
1 polymer 'SARS-CoV-2 helicase NSP13'
2 non-polymer 'ZINC ION'
3 non-polymer "ADENOSINE-5'-TRIPHOSPHATE"
4 non-polymer 'PHOSPHATE ION'
5 non-polymer '3[N-MORPHOLINO]PROPANE SULFONIC ACID'
6 water water
#
_entity_poly.entity_id   1
_entity_poly.type   'polypeptide(L)'
_entity_poly.pdbx_seq_one_letter_code
;SMAVGACVLCNSQTSLRCGACIRRPFLCCKCCYDHVISTSHKLVLSVNPYVCNAPGCDVTDVTQLYLGGMSYYCKSHKPP
ISFPLCANGQVFGLYKNTCVGSDNVTDFNAIATCDWTNAGDYILANTCTERLKLFAAETLKATEETFKLSYGIATVREVL
SDRELHLSWEVGKPRPPLNRNYVFTGYRVTKNSKVQIGEYTFEKGDYGDAVVYRGTTTYKLNVGDYFVLTSHTVMPLSAP
TLVPQEHYVRITGLYPTLNISDEFSSNVANYQKVGMQKYSTLQGPPGTGKSHFAIGLALYYPSARIVYTACSHAAVDALC
EKALKYLPIDKCSRIIPARARVECFDKFKVNSTLEQYVFCTVNALPETTADIVVFDEISMATNYDLSVVNARLRAKHYVY
IGDPAQLPAPRTLLTKGTLEPEYFNSVCRLMKTIGPDMFLGTCRRCPAEIVDTVSALVYDNKLKAHKDKSAQCFKMFYKG
VITHDVSSAINRPQIGVVREFLTRNPAWRKAVFISPYNSQNAVASKILGLPTQTVDSSQGSEYDYVIFTQTTETAHSCNV
NRFNVAITRAKVGILCIMSDRDLYDKLQFTSLEIPRRNVATLQ
;
_entity_poly.pdbx_strand_id   A,B
#
loop_
_chem_comp.id
_chem_comp.type
_chem_comp.name
_chem_comp.formula
ATP non-polymer ADENOSINE-5'-TRIPHOSPHATE 'C10 H16 N5 O13 P3'
MPO non-polymer '3[N-MORPHOLINO]PROPANE SULFONIC ACID' 'C7 H15 N O4 S'
PO4 non-polymer 'PHOSPHATE ION' 'O4 P -3'
ZN non-polymer 'ZINC ION' 'Zn 2'
#
# COMPACT_ATOMS: atom_id res chain seq x y z
N ALA A 3 16.13 -17.98 12.24
CA ALA A 3 16.61 -18.18 13.61
C ALA A 3 18.01 -17.59 13.79
N VAL A 4 18.55 -17.01 12.72
CA VAL A 4 19.88 -16.40 12.75
C VAL A 4 19.73 -14.94 12.34
N GLY A 5 20.26 -14.05 13.17
CA GLY A 5 20.16 -12.63 12.91
C GLY A 5 21.25 -11.85 13.60
N ALA A 6 21.01 -10.54 13.72
CA ALA A 6 21.97 -9.60 14.30
C ALA A 6 21.46 -9.09 15.64
N CYS A 7 22.38 -8.98 16.60
CA CYS A 7 22.01 -8.58 17.95
C CYS A 7 21.46 -7.17 17.99
N VAL A 8 20.38 -6.97 18.74
CA VAL A 8 19.79 -5.63 18.83
C VAL A 8 20.71 -4.66 19.56
N LEU A 9 21.60 -5.17 20.41
CA LEU A 9 22.47 -4.31 21.20
C LEU A 9 23.81 -4.05 20.53
N CYS A 10 24.43 -5.07 19.92
CA CYS A 10 25.78 -4.92 19.41
C CYS A 10 25.94 -5.40 17.98
N ASN A 11 24.85 -5.74 17.28
CA ASN A 11 24.86 -6.10 15.87
C ASN A 11 25.61 -7.40 15.57
N SER A 12 26.04 -8.14 16.59
CA SER A 12 26.75 -9.38 16.36
C SER A 12 25.81 -10.47 15.85
N GLN A 13 26.33 -11.33 14.99
CA GLN A 13 25.53 -12.45 14.50
C GLN A 13 25.24 -13.41 15.64
N THR A 14 24.06 -14.00 15.59
CA THR A 14 23.61 -14.86 16.67
C THR A 14 22.57 -15.82 16.13
N SER A 15 22.38 -16.91 16.86
CA SER A 15 21.27 -17.83 16.63
C SER A 15 20.30 -17.82 17.79
N LEU A 16 20.26 -16.74 18.57
CA LEU A 16 19.47 -16.70 19.79
C LEU A 16 18.49 -15.53 19.75
N ARG A 17 17.30 -15.77 20.31
CA ARG A 17 16.29 -14.74 20.50
C ARG A 17 15.68 -14.95 21.88
N CYS A 18 15.26 -13.86 22.51
CA CYS A 18 14.58 -13.98 23.79
C CYS A 18 13.13 -14.34 23.54
N GLY A 19 12.71 -15.50 24.05
CA GLY A 19 11.34 -15.93 23.92
C GLY A 19 10.35 -15.26 24.84
N ALA A 20 10.85 -14.45 25.78
CA ALA A 20 9.99 -13.79 26.75
C ALA A 20 9.65 -12.35 26.38
N CYS A 21 10.56 -11.64 25.70
CA CYS A 21 10.23 -10.33 25.15
C CYS A 21 9.16 -10.46 24.08
N ILE A 22 8.24 -9.50 24.04
CA ILE A 22 7.13 -9.60 23.12
C ILE A 22 7.56 -9.47 21.66
N ARG A 23 8.73 -8.87 21.41
CA ARG A 23 9.24 -8.70 20.06
C ARG A 23 10.25 -9.77 19.66
N ARG A 24 10.60 -10.68 20.56
CA ARG A 24 11.55 -11.75 20.30
C ARG A 24 12.86 -11.26 19.67
N PRO A 25 13.52 -10.28 20.30
CA PRO A 25 14.72 -9.70 19.68
C PRO A 25 15.87 -10.69 19.68
N PHE A 26 16.71 -10.56 18.65
CA PHE A 26 17.97 -11.30 18.60
C PHE A 26 18.93 -10.72 19.63
N LEU A 27 19.64 -11.60 20.33
CA LEU A 27 20.65 -11.22 21.31
C LEU A 27 21.81 -12.18 21.12
N CYS A 28 23.04 -11.66 21.10
CA CYS A 28 24.19 -12.56 20.95
C CYS A 28 24.43 -13.29 22.25
N CYS A 29 25.46 -14.15 22.25
CA CYS A 29 25.74 -14.99 23.41
C CYS A 29 26.01 -14.16 24.66
N LYS A 30 26.66 -13.00 24.49
CA LYS A 30 27.00 -12.16 25.65
C LYS A 30 25.82 -11.32 26.12
N CYS A 31 25.14 -10.65 25.18
CA CYS A 31 23.99 -9.82 25.54
C CYS A 31 22.84 -10.67 26.08
N CYS A 32 22.62 -11.85 25.50
CA CYS A 32 21.58 -12.75 25.97
C CYS A 32 21.80 -13.15 27.43
N TYR A 33 23.06 -13.38 27.80
CA TYR A 33 23.39 -13.74 29.17
C TYR A 33 23.00 -12.62 30.14
N ASP A 34 23.43 -11.39 29.84
CA ASP A 34 23.12 -10.27 30.71
C ASP A 34 21.62 -10.05 30.84
N HIS A 35 20.86 -10.38 29.79
CA HIS A 35 19.40 -10.27 29.86
C HIS A 35 18.82 -11.30 30.84
N VAL A 36 19.18 -12.58 30.68
CA VAL A 36 18.49 -13.64 31.41
C VAL A 36 18.90 -13.67 32.87
N ILE A 37 20.16 -13.32 33.16
CA ILE A 37 20.66 -13.37 34.52
C ILE A 37 20.10 -12.22 35.36
N SER A 38 19.54 -11.19 34.74
CA SER A 38 19.09 -10.00 35.45
C SER A 38 17.59 -9.73 35.33
N THR A 39 16.85 -10.52 34.56
CA THR A 39 15.41 -10.34 34.41
C THR A 39 14.69 -11.66 34.62
N SER A 40 13.35 -11.57 34.66
CA SER A 40 12.56 -12.80 34.72
C SER A 40 12.57 -13.56 33.41
N HIS A 41 13.06 -12.95 32.32
CA HIS A 41 13.08 -13.61 31.01
C HIS A 41 14.13 -14.72 31.03
N LYS A 42 13.68 -15.98 31.01
CA LYS A 42 14.59 -17.12 31.01
C LYS A 42 14.41 -18.04 29.81
N LEU A 43 13.44 -17.77 28.94
CA LEU A 43 13.23 -18.58 27.76
C LEU A 43 14.09 -18.05 26.62
N VAL A 44 15.02 -18.87 26.15
CA VAL A 44 15.89 -18.52 25.03
C VAL A 44 15.48 -19.38 23.84
N LEU A 45 15.34 -18.73 22.68
CA LEU A 45 14.95 -19.41 21.46
C LEU A 45 16.15 -19.44 20.52
N SER A 46 16.39 -20.60 19.91
CA SER A 46 17.44 -20.76 18.92
C SER A 46 16.81 -21.35 17.67
N VAL A 47 17.62 -22.01 16.85
CA VAL A 47 17.05 -22.79 15.75
C VAL A 47 15.99 -23.72 16.32
N ASN A 48 16.25 -24.27 17.49
CA ASN A 48 15.31 -25.00 18.32
C ASN A 48 15.27 -24.37 19.69
N PRO A 49 14.12 -24.40 20.36
CA PRO A 49 14.01 -23.76 21.69
C PRO A 49 14.89 -24.44 22.72
N TYR A 50 15.45 -23.64 23.63
CA TYR A 50 16.26 -24.16 24.72
C TYR A 50 15.33 -24.63 25.83
N VAL A 51 14.96 -25.91 25.76
CA VAL A 51 14.05 -26.54 26.70
C VAL A 51 14.59 -27.94 26.97
N CYS A 52 14.34 -28.48 28.16
CA CYS A 52 14.80 -29.83 28.44
C CYS A 52 14.15 -30.79 27.45
N ASN A 53 14.94 -31.71 26.92
CA ASN A 53 14.46 -32.61 25.88
C ASN A 53 14.02 -33.97 26.40
N ALA A 54 14.09 -34.21 27.71
CA ALA A 54 13.68 -35.50 28.23
C ALA A 54 12.16 -35.58 28.26
N PRO A 55 11.60 -36.78 28.09
CA PRO A 55 10.14 -36.95 28.12
C PRO A 55 9.53 -36.36 29.38
N GLY A 56 8.46 -35.60 29.20
CA GLY A 56 7.67 -35.09 30.31
C GLY A 56 8.24 -33.89 31.04
N CYS A 57 9.49 -33.52 30.77
CA CYS A 57 10.11 -32.43 31.53
C CYS A 57 9.63 -31.08 31.00
N ASP A 58 9.42 -30.14 31.92
CA ASP A 58 8.95 -28.80 31.58
C ASP A 58 9.96 -27.72 31.89
N VAL A 59 11.23 -28.06 32.06
CA VAL A 59 12.22 -27.05 32.41
C VAL A 59 12.54 -26.24 31.16
N THR A 60 12.27 -24.95 31.23
CA THR A 60 12.53 -24.03 30.12
C THR A 60 13.46 -22.90 30.53
N ASP A 61 13.88 -22.86 31.80
CA ASP A 61 14.77 -21.82 32.31
C ASP A 61 16.18 -22.10 31.81
N VAL A 62 16.70 -21.21 30.97
CA VAL A 62 17.98 -21.43 30.30
C VAL A 62 19.12 -21.55 31.30
N THR A 63 18.99 -20.87 32.44
CA THR A 63 20.01 -20.95 33.48
C THR A 63 20.03 -22.30 34.18
N GLN A 64 19.07 -23.19 33.89
CA GLN A 64 19.04 -24.51 34.49
C GLN A 64 19.16 -25.58 33.43
N LEU A 65 19.74 -25.24 32.28
CA LEU A 65 19.78 -26.11 31.13
C LEU A 65 21.23 -26.31 30.68
N TYR A 66 21.48 -27.48 30.11
CA TYR A 66 22.81 -27.93 29.74
C TYR A 66 22.75 -28.56 28.35
N LEU A 67 23.88 -28.46 27.64
CA LEU A 67 24.05 -29.09 26.34
C LEU A 67 24.65 -30.47 26.55
N GLY A 68 23.89 -31.51 26.21
CA GLY A 68 24.40 -32.86 26.16
C GLY A 68 24.40 -33.38 24.74
N GLY A 69 25.57 -33.49 24.13
CA GLY A 69 25.63 -33.71 22.70
C GLY A 69 25.08 -32.53 21.93
N MET A 70 24.06 -32.75 21.12
CA MET A 70 23.40 -31.67 20.39
C MET A 70 22.04 -31.31 20.98
N SER A 71 21.67 -31.87 22.12
CA SER A 71 20.35 -31.62 22.71
C SER A 71 20.51 -31.00 24.10
N TYR A 72 19.39 -30.52 24.65
CA TYR A 72 19.41 -29.76 25.90
C TYR A 72 18.68 -30.51 27.00
N TYR A 73 19.19 -30.38 28.23
CA TYR A 73 18.68 -31.15 29.35
C TYR A 73 18.86 -30.34 30.62
N CYS A 74 17.96 -30.56 31.58
CA CYS A 74 18.12 -29.93 32.88
C CYS A 74 19.08 -30.75 33.73
N LYS A 75 19.27 -30.30 34.98
CA LYS A 75 20.20 -30.96 35.88
C LYS A 75 19.79 -32.39 36.20
N SER A 76 18.49 -32.69 36.19
CA SER A 76 17.99 -34.01 36.54
C SER A 76 17.98 -34.99 35.38
N HIS A 77 18.22 -34.51 34.16
CA HIS A 77 18.18 -35.33 32.96
C HIS A 77 19.45 -35.29 32.13
N LYS A 78 20.42 -34.45 32.50
CA LYS A 78 21.62 -34.29 31.70
C LYS A 78 22.55 -35.51 31.78
N PRO A 79 23.22 -35.84 30.68
CA PRO A 79 24.18 -36.93 30.67
C PRO A 79 25.45 -36.52 31.40
N PRO A 80 26.31 -37.46 31.75
CA PRO A 80 27.56 -37.09 32.46
C PRO A 80 28.44 -36.12 31.66
N ILE A 81 28.45 -36.22 30.34
CA ILE A 81 29.23 -35.31 29.49
C ILE A 81 28.26 -34.24 29.00
N SER A 82 28.17 -33.15 29.76
CA SER A 82 27.32 -32.03 29.39
C SER A 82 27.96 -30.75 29.90
N PHE A 83 27.46 -29.62 29.39
CA PHE A 83 28.00 -28.30 29.74
C PHE A 83 26.83 -27.37 29.98
N PRO A 84 26.95 -26.45 30.93
CA PRO A 84 25.85 -25.50 31.18
C PRO A 84 25.70 -24.56 30.00
N LEU A 85 24.43 -24.29 29.64
CA LEU A 85 24.17 -23.34 28.56
C LEU A 85 24.60 -21.93 28.95
N CYS A 86 24.43 -21.57 30.23
CA CYS A 86 24.89 -20.28 30.75
C CYS A 86 26.20 -20.48 31.50
N ALA A 87 27.28 -19.93 30.95
CA ALA A 87 28.60 -20.01 31.56
C ALA A 87 29.51 -18.94 30.96
N ASN A 88 30.44 -18.44 31.78
CA ASN A 88 31.43 -17.44 31.36
C ASN A 88 30.78 -16.17 30.81
N GLY A 89 29.70 -15.74 31.46
CA GLY A 89 28.98 -14.57 30.98
C GLY A 89 28.40 -14.72 29.59
N GLN A 90 28.06 -15.95 29.19
CA GLN A 90 27.62 -16.22 27.84
C GLN A 90 26.57 -17.33 27.85
N VAL A 91 25.63 -17.23 26.92
CA VAL A 91 24.67 -18.29 26.65
C VAL A 91 25.14 -18.99 25.38
N PHE A 92 25.19 -20.32 25.43
CA PHE A 92 25.66 -21.09 24.28
C PHE A 92 24.79 -20.83 23.04
N GLY A 93 25.45 -20.58 21.92
CA GLY A 93 24.78 -20.37 20.65
C GLY A 93 25.81 -20.29 19.56
N LEU A 94 25.32 -20.16 18.33
CA LEU A 94 26.23 -20.02 17.20
C LEU A 94 26.99 -18.70 17.30
N TYR A 95 28.18 -18.68 16.69
CA TYR A 95 29.02 -17.48 16.66
C TYR A 95 29.52 -17.09 18.05
N LYS A 96 29.74 -18.09 18.92
CA LYS A 96 30.10 -17.87 20.31
C LYS A 96 31.40 -17.10 20.49
N ASN A 97 32.19 -16.90 19.44
CA ASN A 97 33.48 -16.23 19.57
C ASN A 97 33.53 -14.87 18.88
N THR A 98 32.65 -14.61 17.93
CA THR A 98 32.59 -13.28 17.31
C THR A 98 31.81 -12.27 18.13
N CYS A 99 30.94 -12.72 19.05
CA CYS A 99 30.11 -11.82 19.85
C CYS A 99 30.93 -10.70 20.48
N VAL A 100 30.45 -9.48 20.31
CA VAL A 100 31.10 -8.30 20.88
C VAL A 100 30.58 -7.99 22.28
N GLY A 101 29.26 -7.99 22.47
CA GLY A 101 28.69 -7.64 23.76
C GLY A 101 28.32 -6.17 23.79
N SER A 102 27.73 -5.76 24.91
CA SER A 102 27.28 -4.38 25.02
C SER A 102 27.24 -3.96 26.48
N ASP A 103 27.54 -2.68 26.71
CA ASP A 103 27.52 -2.10 28.05
C ASP A 103 26.20 -1.40 28.33
N ASN A 104 25.23 -1.53 27.44
CA ASN A 104 23.93 -0.88 27.57
C ASN A 104 22.83 -1.89 27.87
N VAL A 105 23.20 -3.09 28.32
CA VAL A 105 22.21 -4.14 28.50
C VAL A 105 21.22 -3.78 29.61
N THR A 106 21.68 -3.03 30.62
CA THR A 106 20.76 -2.58 31.66
C THR A 106 19.61 -1.78 31.07
N ASP A 107 19.91 -0.88 30.13
CA ASP A 107 18.86 -0.13 29.46
C ASP A 107 17.96 -1.05 28.65
N PHE A 108 18.54 -2.03 27.96
CA PHE A 108 17.72 -3.02 27.24
C PHE A 108 16.78 -3.73 28.22
N ASN A 109 17.31 -4.15 29.37
CA ASN A 109 16.52 -4.91 30.32
C ASN A 109 15.33 -4.09 30.83
N ALA A 110 15.52 -2.80 31.05
CA ALA A 110 14.40 -1.96 31.49
C ALA A 110 13.38 -1.80 30.37
N ILE A 111 13.84 -1.54 29.13
CA ILE A 111 12.92 -1.39 28.01
C ILE A 111 12.13 -2.67 27.80
N ALA A 112 12.81 -3.81 27.91
CA ALA A 112 12.21 -5.11 27.60
C ALA A 112 11.20 -5.56 28.64
N THR A 113 11.27 -5.04 29.87
CA THR A 113 10.43 -5.49 30.97
C THR A 113 9.41 -4.47 31.48
N CYS A 114 9.44 -3.22 31.02
CA CYS A 114 8.55 -2.20 31.57
C CYS A 114 7.16 -2.34 30.97
N ASP A 115 6.16 -1.67 31.57
CA ASP A 115 4.79 -1.73 31.04
C ASP A 115 4.36 -0.43 30.37
N TRP A 116 5.22 0.58 30.32
CA TRP A 116 4.99 1.84 29.59
C TRP A 116 3.91 2.71 30.23
N THR A 117 3.75 2.60 31.55
CA THR A 117 2.85 3.46 32.31
C THR A 117 3.56 4.62 32.99
N ASN A 118 4.89 4.59 33.05
CA ASN A 118 5.69 5.62 33.73
C ASN A 118 6.46 6.44 32.71
N ALA A 119 6.58 7.74 32.99
CA ALA A 119 7.30 8.62 32.07
C ALA A 119 8.76 8.23 31.92
N GLY A 120 9.36 7.62 32.95
CA GLY A 120 10.72 7.16 32.85
C GLY A 120 10.95 6.09 31.80
N ASP A 121 9.91 5.32 31.44
CA ASP A 121 10.05 4.37 30.34
C ASP A 121 10.24 5.08 29.01
N TYR A 122 9.56 6.21 28.81
CA TYR A 122 9.71 6.98 27.59
C TYR A 122 10.99 7.80 27.59
N ILE A 123 11.43 8.24 28.77
CA ILE A 123 12.71 8.91 28.88
C ILE A 123 13.83 7.98 28.45
N LEU A 124 13.81 6.73 28.95
CA LEU A 124 14.84 5.77 28.56
C LEU A 124 14.73 5.44 27.07
N ALA A 125 13.51 5.33 26.55
CA ALA A 125 13.32 5.03 25.14
C ALA A 125 13.89 6.10 24.21
N ASN A 126 14.19 7.29 24.73
CA ASN A 126 14.69 8.37 23.91
C ASN A 126 16.15 8.76 24.17
N THR A 127 16.76 8.24 25.23
CA THR A 127 18.14 8.56 25.56
C THR A 127 19.10 7.40 25.29
N CYS A 128 18.60 6.25 24.84
CA CYS A 128 19.41 5.07 24.62
C CYS A 128 20.06 5.15 23.24
N THR A 129 20.81 4.10 22.87
CA THR A 129 21.43 4.03 21.56
C THR A 129 20.37 3.95 20.47
N GLU A 130 20.80 4.18 19.23
CA GLU A 130 19.87 4.19 18.10
C GLU A 130 19.17 2.85 17.93
N ARG A 131 19.92 1.74 18.00
CA ARG A 131 19.32 0.43 17.88
C ARG A 131 18.29 0.17 18.98
N LEU A 132 18.59 0.58 20.21
CA LEU A 132 17.63 0.41 21.30
C LEU A 132 16.39 1.27 21.12
N LYS A 133 16.53 2.44 20.47
CA LYS A 133 15.36 3.29 20.24
C LYS A 133 14.34 2.56 19.38
N LEU A 134 14.79 1.86 18.33
CA LEU A 134 13.87 1.11 17.49
C LEU A 134 13.23 -0.02 18.27
N PHE A 135 14.03 -0.74 19.07
CA PHE A 135 13.48 -1.83 19.87
C PHE A 135 12.43 -1.32 20.85
N ALA A 136 12.67 -0.15 21.46
CA ALA A 136 11.68 0.40 22.37
C ALA A 136 10.43 0.88 21.62
N ALA A 137 10.61 1.47 20.44
CA ALA A 137 9.45 1.96 19.70
C ALA A 137 8.55 0.80 19.31
N GLU A 138 9.15 -0.29 18.85
CA GLU A 138 8.39 -1.48 18.44
C GLU A 138 7.70 -2.11 19.65
N THR A 139 8.44 -2.25 20.76
CA THR A 139 7.87 -2.86 21.95
C THR A 139 6.71 -2.04 22.51
N LEU A 140 6.91 -0.73 22.60
CA LEU A 140 5.84 0.17 23.05
C LEU A 140 4.61 0.04 22.17
N LYS A 141 4.81 0.11 20.86
CA LYS A 141 3.66 0.08 19.95
C LYS A 141 2.90 -1.22 20.06
N ALA A 142 3.62 -2.34 20.17
CA ALA A 142 2.94 -3.63 20.32
C ALA A 142 2.14 -3.63 21.62
N THR A 143 2.76 -3.17 22.71
CA THR A 143 2.05 -3.11 23.99
C THR A 143 0.82 -2.23 23.86
N GLU A 144 0.95 -1.08 23.19
CA GLU A 144 -0.21 -0.21 23.04
C GLU A 144 -1.30 -0.93 22.26
N GLU A 145 -0.92 -1.66 21.21
CA GLU A 145 -1.92 -2.33 20.36
C GLU A 145 -2.59 -3.49 21.07
N THR A 146 -1.82 -4.28 21.84
CA THR A 146 -2.40 -5.40 22.56
C THR A 146 -3.40 -4.91 23.61
N PHE A 147 -3.05 -3.82 24.31
CA PHE A 147 -3.92 -3.28 25.35
C PHE A 147 -5.28 -2.84 24.79
N LYS A 148 -5.36 -2.52 23.51
CA LYS A 148 -6.65 -2.14 22.94
C LYS A 148 -7.67 -3.29 23.00
N LEU A 149 -7.20 -4.53 23.22
CA LEU A 149 -8.07 -5.68 23.43
C LEU A 149 -8.72 -5.69 24.82
N SER A 150 -8.32 -4.78 25.72
CA SER A 150 -8.86 -4.75 27.06
C SER A 150 -10.20 -4.04 27.17
N TYR A 151 -10.58 -3.27 26.16
CA TYR A 151 -11.80 -2.48 26.26
C TYR A 151 -13.01 -3.32 25.87
N GLY A 152 -14.16 -2.96 26.41
CA GLY A 152 -15.36 -3.73 26.17
C GLY A 152 -15.93 -3.49 24.79
N ILE A 153 -16.82 -4.39 24.39
CA ILE A 153 -17.53 -4.31 23.13
C ILE A 153 -18.78 -3.46 23.37
N ALA A 154 -19.14 -2.64 22.38
CA ALA A 154 -20.32 -1.80 22.44
C ALA A 154 -21.34 -2.24 21.39
N THR A 155 -22.56 -2.52 21.83
CA THR A 155 -23.63 -2.96 20.95
C THR A 155 -24.80 -1.99 21.03
N VAL A 156 -25.36 -1.63 19.88
CA VAL A 156 -26.45 -0.65 19.83
C VAL A 156 -27.73 -1.29 20.35
N ARG A 157 -28.31 -0.68 21.38
CA ARG A 157 -29.60 -1.13 21.91
C ARG A 157 -30.79 -0.49 21.17
N GLU A 158 -30.68 0.79 20.82
CA GLU A 158 -31.69 1.45 20.00
C GLU A 158 -31.07 2.69 19.37
N VAL A 159 -31.66 3.12 18.26
CA VAL A 159 -31.20 4.28 17.50
C VAL A 159 -32.19 5.42 17.73
N LEU A 160 -31.71 6.51 18.34
CA LEU A 160 -32.60 7.61 18.66
C LEU A 160 -32.83 8.53 17.48
N SER A 161 -31.78 8.82 16.71
CA SER A 161 -31.88 9.73 15.56
C SER A 161 -30.73 9.41 14.60
N ASP A 162 -30.48 10.34 13.67
CA ASP A 162 -29.37 10.18 12.73
C ASP A 162 -28.02 10.44 13.36
N ARG A 163 -27.98 10.93 14.61
CA ARG A 163 -26.74 11.27 15.28
C ARG A 163 -26.71 10.90 16.76
N GLU A 164 -27.75 10.27 17.30
CA GLU A 164 -27.75 9.82 18.68
C GLU A 164 -28.29 8.40 18.79
N LEU A 165 -27.73 7.63 19.72
CA LEU A 165 -28.17 6.27 19.98
C LEU A 165 -27.81 5.90 21.41
N HIS A 166 -28.37 4.78 21.86
CA HIS A 166 -28.09 4.23 23.19
C HIS A 166 -27.26 2.98 23.04
N LEU A 167 -26.14 2.91 23.74
CA LEU A 167 -25.19 1.83 23.60
C LEU A 167 -25.29 0.85 24.77
N SER A 168 -24.91 -0.40 24.51
CA SER A 168 -24.81 -1.44 25.52
C SER A 168 -23.35 -1.87 25.59
N TRP A 169 -22.77 -1.81 26.78
CA TRP A 169 -21.35 -2.06 26.97
C TRP A 169 -21.11 -3.44 27.58
N GLU A 170 -20.11 -4.13 27.05
CA GLU A 170 -19.78 -5.48 27.50
C GLU A 170 -19.39 -5.46 28.97
N VAL A 171 -20.04 -6.32 29.76
CA VAL A 171 -19.76 -6.40 31.20
C VAL A 171 -18.40 -7.08 31.39
N GLY A 172 -17.71 -6.69 32.46
CA GLY A 172 -16.45 -7.31 32.80
C GLY A 172 -15.22 -6.67 32.22
N LYS A 173 -15.36 -5.58 31.46
CA LYS A 173 -14.25 -4.92 30.79
C LYS A 173 -14.48 -3.42 30.84
N PRO A 174 -13.41 -2.63 30.94
CA PRO A 174 -13.57 -1.18 31.01
C PRO A 174 -14.03 -0.60 29.68
N ARG A 175 -14.62 0.58 29.76
CA ARG A 175 -15.11 1.26 28.58
C ARG A 175 -14.09 2.29 28.10
N PRO A 176 -13.93 2.46 26.78
CA PRO A 176 -13.03 3.50 26.30
C PRO A 176 -13.64 4.87 26.49
N PRO A 177 -12.83 5.91 26.66
CA PRO A 177 -13.39 7.26 26.72
C PRO A 177 -13.99 7.62 25.37
N LEU A 178 -15.10 8.34 25.40
CA LEU A 178 -15.85 8.65 24.18
C LEU A 178 -15.43 10.03 23.70
N ASN A 179 -14.53 10.06 22.74
CA ASN A 179 -14.04 11.30 22.13
C ASN A 179 -13.62 11.00 20.70
N ARG A 180 -13.16 12.04 20.00
CA ARG A 180 -12.80 11.91 18.59
C ARG A 180 -11.51 11.15 18.36
N ASN A 181 -10.75 10.86 19.41
CA ASN A 181 -9.50 10.10 19.29
C ASN A 181 -9.70 8.59 19.38
N TYR A 182 -10.89 8.12 19.74
CA TYR A 182 -11.17 6.69 19.88
C TYR A 182 -12.09 6.26 18.74
N VAL A 183 -11.52 5.60 17.73
CA VAL A 183 -12.21 5.25 16.51
C VAL A 183 -12.54 3.77 16.56
N PHE A 184 -13.83 3.46 16.47
CA PHE A 184 -14.33 2.09 16.49
C PHE A 184 -14.64 1.65 15.06
N THR A 185 -14.60 0.34 14.85
CA THR A 185 -15.06 -0.25 13.60
C THR A 185 -16.40 -0.91 13.85
N GLY A 186 -17.37 -0.64 12.99
CA GLY A 186 -18.71 -1.16 13.13
C GLY A 186 -18.92 -2.41 12.28
N TYR A 187 -19.77 -3.30 12.78
CA TYR A 187 -20.09 -4.53 12.08
C TYR A 187 -21.59 -4.82 12.16
N GLN A 196 -18.63 -5.18 7.95
CA GLN A 196 -17.92 -3.96 8.33
C GLN A 196 -18.64 -2.73 7.77
N ILE A 197 -19.38 -2.03 8.63
CA ILE A 197 -20.25 -0.94 8.19
C ILE A 197 -19.57 0.42 8.31
N GLY A 198 -18.25 0.42 8.49
CA GLY A 198 -17.48 1.65 8.52
C GLY A 198 -17.04 2.00 9.93
N GLU A 199 -16.22 3.05 10.01
CA GLU A 199 -15.68 3.51 11.29
C GLU A 199 -16.56 4.59 11.90
N TYR A 200 -16.69 4.54 13.22
CA TYR A 200 -17.53 5.47 13.97
C TYR A 200 -16.77 6.06 15.15
N THR A 201 -17.14 7.27 15.52
CA THR A 201 -16.68 7.92 16.74
C THR A 201 -17.88 8.28 17.59
N PHE A 202 -17.69 8.32 18.91
CA PHE A 202 -18.79 8.55 19.85
C PHE A 202 -18.42 9.68 20.81
N GLU A 203 -19.41 10.50 21.13
CA GLU A 203 -19.28 11.58 22.09
C GLU A 203 -20.45 11.55 23.06
N LYS A 204 -20.24 12.05 24.27
CA LYS A 204 -21.30 12.08 25.28
C LYS A 204 -22.12 13.37 25.21
N ASP A 209 -28.31 9.08 28.93
CA ASP A 209 -27.33 8.06 28.59
C ASP A 209 -27.08 8.03 27.08
N ALA A 210 -27.58 9.05 26.38
CA ALA A 210 -27.49 9.09 24.94
C ALA A 210 -26.06 9.36 24.49
N VAL A 211 -25.67 8.70 23.41
CA VAL A 211 -24.33 8.82 22.82
C VAL A 211 -24.49 9.41 21.42
N VAL A 212 -23.71 10.44 21.12
CA VAL A 212 -23.67 11.04 19.78
C VAL A 212 -22.68 10.26 18.93
N TYR A 213 -23.13 9.80 17.76
CA TYR A 213 -22.31 8.99 16.86
C TYR A 213 -22.08 9.70 15.53
N ARG A 214 -20.86 9.58 15.02
CA ARG A 214 -20.48 10.13 13.72
C ARG A 214 -19.87 9.00 12.90
N GLY A 215 -20.48 8.71 11.75
CA GLY A 215 -19.99 7.64 10.90
C GLY A 215 -19.28 8.15 9.67
N THR A 216 -18.43 7.31 9.07
CA THR A 216 -17.78 7.69 7.82
C THR A 216 -18.81 7.92 6.71
N THR A 217 -19.80 7.04 6.60
CA THR A 217 -20.92 7.22 5.69
C THR A 217 -22.22 7.15 6.47
N THR A 218 -23.25 7.78 5.92
CA THR A 218 -24.58 7.75 6.55
C THR A 218 -25.15 6.35 6.35
N TYR A 219 -25.10 5.55 7.42
CA TYR A 219 -25.49 4.15 7.36
C TYR A 219 -26.67 3.92 8.31
N LYS A 220 -27.63 3.12 7.86
CA LYS A 220 -28.82 2.83 8.67
C LYS A 220 -28.41 1.86 9.77
N LEU A 221 -28.10 2.40 10.95
CA LEU A 221 -27.67 1.56 12.06
C LEU A 221 -28.84 0.74 12.58
N ASN A 222 -28.57 -0.52 12.90
CA ASN A 222 -29.56 -1.45 13.41
C ASN A 222 -29.25 -1.78 14.87
N VAL A 223 -30.27 -2.27 15.57
CA VAL A 223 -30.05 -2.83 16.89
C VAL A 223 -29.26 -4.13 16.75
N GLY A 224 -28.23 -4.28 17.57
CA GLY A 224 -27.35 -5.44 17.50
C GLY A 224 -26.03 -5.19 16.82
N ASP A 225 -25.94 -4.17 15.97
CA ASP A 225 -24.64 -3.81 15.40
C ASP A 225 -23.69 -3.48 16.54
N TYR A 226 -22.42 -3.83 16.38
CA TYR A 226 -21.45 -3.65 17.46
C TYR A 226 -20.26 -2.83 16.99
N PHE A 227 -19.54 -2.25 17.95
CA PHE A 227 -18.38 -1.42 17.70
C PHE A 227 -17.18 -1.99 18.44
N VAL A 228 -16.05 -2.11 17.74
CA VAL A 228 -14.80 -2.63 18.29
C VAL A 228 -13.72 -1.59 18.06
N LEU A 229 -12.85 -1.40 19.06
CA LEU A 229 -11.73 -0.49 18.88
C LEU A 229 -10.81 -1.01 17.77
N THR A 230 -10.43 -0.11 16.86
CA THR A 230 -9.65 -0.49 15.69
C THR A 230 -8.21 -0.74 16.11
N SER A 231 -7.80 -2.02 16.11
CA SER A 231 -6.42 -2.38 16.43
C SER A 231 -5.56 -2.32 15.16
N HIS A 232 -4.33 -2.82 15.25
CA HIS A 232 -3.39 -2.80 14.13
C HIS A 232 -2.19 -3.67 14.48
N THR A 233 -1.77 -4.53 13.56
CA THR A 233 -0.55 -5.30 13.75
C THR A 233 0.65 -4.35 13.66
N VAL A 234 1.74 -4.73 14.33
CA VAL A 234 2.92 -3.87 14.44
C VAL A 234 4.08 -4.54 13.72
N MET A 235 4.49 -3.95 12.61
CA MET A 235 5.60 -4.42 11.81
C MET A 235 6.93 -4.04 12.48
N PRO A 236 7.98 -4.84 12.27
CA PRO A 236 9.30 -4.47 12.81
C PRO A 236 9.82 -3.23 12.12
N LEU A 237 10.75 -2.57 12.81
CA LEU A 237 11.43 -1.40 12.26
C LEU A 237 12.85 -1.80 11.86
N SER A 238 13.37 -1.12 10.85
CA SER A 238 14.72 -1.36 10.36
C SER A 238 15.54 -0.09 10.20
N ALA A 239 14.91 1.02 9.78
CA ALA A 239 15.64 2.26 9.56
C ALA A 239 15.79 3.05 10.87
N PRO A 240 16.85 3.84 11.00
CA PRO A 240 17.01 4.66 12.22
C PRO A 240 15.96 5.75 12.30
N THR A 241 15.80 6.34 13.51
CA THR A 241 14.91 7.48 13.63
C THR A 241 15.44 8.66 12.84
N LEU A 242 16.75 8.83 12.82
CA LEU A 242 17.43 9.84 12.00
C LEU A 242 18.63 9.20 11.34
N VAL A 243 18.80 9.48 10.05
CA VAL A 243 19.99 9.01 9.34
C VAL A 243 21.21 9.70 9.94
N PRO A 244 22.40 9.11 9.84
CA PRO A 244 23.61 9.81 10.32
C PRO A 244 23.74 11.15 9.62
N GLN A 245 24.20 12.16 10.35
CA GLN A 245 24.30 13.49 9.78
C GLN A 245 25.43 13.57 8.77
N GLU A 246 25.26 14.44 7.78
CA GLU A 246 26.31 14.73 6.81
C GLU A 246 26.31 16.22 6.59
N HIS A 247 27.50 16.82 6.53
CA HIS A 247 27.64 18.24 6.21
C HIS A 247 28.46 18.40 4.95
N TYR A 248 27.92 19.14 3.99
CA TYR A 248 28.51 19.23 2.66
C TYR A 248 29.20 20.58 2.47
N VAL A 249 30.11 20.61 1.50
CA VAL A 249 30.84 21.85 1.24
C VAL A 249 29.97 22.83 0.46
N ARG A 250 29.05 22.32 -0.36
CA ARG A 250 28.17 23.15 -1.16
C ARG A 250 26.82 22.45 -1.24
N ILE A 251 25.87 23.13 -1.90
CA ILE A 251 24.51 22.58 -2.05
C ILE A 251 24.57 21.34 -2.92
N THR A 252 23.96 20.26 -2.44
CA THR A 252 24.11 18.95 -3.04
C THR A 252 22.75 18.41 -3.50
N GLY A 253 22.67 18.00 -4.76
CA GLY A 253 21.46 17.43 -5.33
C GLY A 253 20.36 18.41 -5.63
N LEU A 254 20.53 19.70 -5.30
CA LEU A 254 19.50 20.71 -5.47
C LEU A 254 20.05 21.82 -6.35
N TYR A 255 19.14 22.54 -7.01
CA TYR A 255 19.54 23.59 -7.96
C TYR A 255 18.76 24.88 -7.69
N PRO A 256 19.41 25.90 -7.13
CA PRO A 256 18.72 27.13 -6.73
C PRO A 256 18.35 28.03 -7.90
N THR A 257 17.25 28.76 -7.73
CA THR A 257 16.90 29.78 -8.70
C THR A 257 17.73 31.03 -8.46
N LEU A 258 17.48 32.04 -9.30
CA LEU A 258 18.09 33.35 -9.16
C LEU A 258 17.03 34.44 -9.07
N ASN A 259 15.75 34.08 -9.00
CA ASN A 259 14.69 35.08 -8.95
C ASN A 259 13.54 34.63 -8.05
N ILE A 260 13.87 34.21 -6.83
CA ILE A 260 12.83 33.90 -5.84
C ILE A 260 12.10 35.19 -5.47
N SER A 261 10.78 35.11 -5.40
CA SER A 261 10.00 36.31 -5.09
C SER A 261 10.34 36.80 -3.69
N ASP A 262 10.24 38.12 -3.49
CA ASP A 262 10.57 38.72 -2.20
C ASP A 262 9.72 38.18 -1.06
N GLU A 263 8.52 37.66 -1.36
CA GLU A 263 7.68 37.11 -0.30
C GLU A 263 8.35 35.96 0.42
N PHE A 264 9.25 35.24 -0.26
CA PHE A 264 9.95 34.11 0.35
C PHE A 264 11.43 34.35 0.56
N SER A 265 11.94 35.53 0.19
CA SER A 265 13.39 35.77 0.18
C SER A 265 14.01 35.76 1.58
N SER A 266 13.23 36.04 2.63
CA SER A 266 13.81 36.04 3.97
C SER A 266 14.29 34.66 4.42
N ASN A 267 13.84 33.59 3.76
CA ASN A 267 14.27 32.23 4.12
C ASN A 267 15.40 31.71 3.25
N VAL A 268 16.01 32.55 2.41
CA VAL A 268 16.98 32.05 1.45
C VAL A 268 18.16 31.39 2.15
N ALA A 269 18.71 32.05 3.18
CA ALA A 269 19.84 31.47 3.89
C ALA A 269 19.48 30.13 4.53
N ASN A 270 18.28 30.04 5.13
CA ASN A 270 17.83 28.77 5.68
C ASN A 270 17.71 27.70 4.59
N TYR A 271 17.20 28.08 3.42
CA TYR A 271 17.09 27.12 2.33
C TYR A 271 18.45 26.64 1.86
N GLN A 272 19.44 27.54 1.88
CA GLN A 272 20.81 27.15 1.56
C GLN A 272 21.34 26.14 2.56
N LYS A 273 21.09 26.37 3.85
CA LYS A 273 21.56 25.43 4.87
C LYS A 273 20.94 24.06 4.70
N VAL A 274 19.65 24.00 4.37
CA VAL A 274 18.97 22.75 4.05
C VAL A 274 19.75 21.97 2.99
N GLY A 275 20.24 22.66 1.96
CA GLY A 275 20.99 21.97 0.93
C GLY A 275 22.40 21.57 1.29
N MET A 276 22.95 22.04 2.41
CA MET A 276 24.32 21.72 2.80
C MET A 276 24.43 20.57 3.81
N GLN A 277 23.31 20.01 4.26
CA GLN A 277 23.33 18.94 5.25
C GLN A 277 22.34 17.86 4.84
N LYS A 278 22.57 16.64 5.34
CA LYS A 278 21.61 15.56 5.10
C LYS A 278 20.26 15.88 5.70
N TYR A 279 20.23 16.24 6.98
CA TYR A 279 18.96 16.60 7.60
C TYR A 279 19.12 17.87 8.41
N SER A 280 18.02 18.60 8.53
CA SER A 280 18.01 19.85 9.28
C SER A 280 16.69 19.99 10.02
N THR A 281 16.76 20.70 11.15
CA THR A 281 15.60 20.91 11.99
C THR A 281 15.25 22.39 12.02
N LEU A 282 13.94 22.67 11.97
CA LEU A 282 13.42 24.02 12.03
C LEU A 282 12.39 24.07 13.14
N GLN A 283 12.64 24.91 14.15
CA GLN A 283 11.65 25.19 15.18
C GLN A 283 10.89 26.45 14.78
N GLY A 284 9.59 26.30 14.56
CA GLY A 284 8.72 27.41 14.26
C GLY A 284 7.60 27.54 15.27
N PRO A 285 7.74 28.49 16.20
CA PRO A 285 6.64 28.78 17.14
C PRO A 285 5.38 29.15 16.39
N PRO A 286 4.23 29.22 17.09
CA PRO A 286 2.97 29.48 16.40
C PRO A 286 3.03 30.74 15.55
N GLY A 287 2.52 30.62 14.32
CA GLY A 287 2.31 31.77 13.46
C GLY A 287 3.57 32.41 12.94
N THR A 288 4.69 31.69 12.96
CA THR A 288 5.98 32.22 12.52
C THR A 288 6.29 31.89 11.07
N GLY A 289 5.40 31.16 10.39
CA GLY A 289 5.51 30.86 8.98
C GLY A 289 6.09 29.51 8.58
N LYS A 290 5.61 28.40 9.18
CA LYS A 290 6.16 27.09 8.87
C LYS A 290 5.76 26.62 7.47
N SER A 291 4.47 26.67 7.16
CA SER A 291 4.04 26.21 5.84
C SER A 291 4.62 27.09 4.76
N HIS A 292 4.69 28.41 5.02
CA HIS A 292 5.34 29.32 4.11
C HIS A 292 6.80 28.93 3.89
N PHE A 293 7.49 28.57 4.97
CA PHE A 293 8.86 28.07 4.81
C PHE A 293 8.85 26.82 3.93
N ALA A 294 7.98 25.87 4.27
CA ALA A 294 7.98 24.56 3.61
C ALA A 294 7.66 24.68 2.12
N ILE A 295 6.74 25.57 1.76
CA ILE A 295 6.38 25.71 0.36
C ILE A 295 7.42 26.55 -0.38
N GLY A 296 7.98 27.56 0.28
CA GLY A 296 9.01 28.34 -0.35
C GLY A 296 10.24 27.52 -0.69
N LEU A 297 10.49 26.47 0.09
CA LEU A 297 11.59 25.56 -0.21
C LEU A 297 11.47 25.01 -1.62
N ALA A 298 10.26 24.68 -2.04
CA ALA A 298 10.04 24.19 -3.41
C ALA A 298 10.30 25.28 -4.43
N LEU A 299 9.92 26.52 -4.10
CA LEU A 299 10.11 27.62 -5.04
C LEU A 299 11.59 27.95 -5.21
N TYR A 300 12.38 27.77 -4.14
CA TYR A 300 13.81 28.05 -4.23
C TYR A 300 14.56 26.93 -4.94
N TYR A 301 14.07 25.69 -4.83
CA TYR A 301 14.62 24.54 -5.55
C TYR A 301 13.54 24.01 -6.48
N PRO A 302 13.27 24.72 -7.59
CA PRO A 302 12.06 24.45 -8.38
C PRO A 302 12.07 23.14 -9.17
N SER A 303 13.22 22.50 -9.32
CA SER A 303 13.25 21.21 -10.00
C SER A 303 13.34 20.04 -9.04
N ALA A 304 13.32 20.29 -7.72
CA ALA A 304 13.42 19.20 -6.77
C ALA A 304 12.10 18.45 -6.66
N ARG A 305 12.20 17.13 -6.53
CA ARG A 305 11.07 16.32 -6.11
C ARG A 305 10.98 16.38 -4.59
N ILE A 306 9.82 16.76 -4.08
CA ILE A 306 9.64 17.00 -2.66
C ILE A 306 8.45 16.20 -2.16
N VAL A 307 8.68 15.35 -1.18
CA VAL A 307 7.60 14.66 -0.47
C VAL A 307 7.30 15.39 0.82
N TYR A 308 6.08 15.89 0.94
CA TYR A 308 5.60 16.56 2.14
C TYR A 308 4.76 15.58 2.94
N THR A 309 5.13 15.36 4.20
CA THR A 309 4.47 14.36 5.03
C THR A 309 4.32 14.93 6.44
N ALA A 310 3.43 14.29 7.20
CA ALA A 310 3.16 14.56 8.62
C ALA A 310 2.27 13.44 9.13
N CYS A 311 1.98 13.45 10.42
CA CYS A 311 1.24 12.32 11.00
C CYS A 311 -0.24 12.39 10.67
N SER A 312 -0.86 13.56 10.73
CA SER A 312 -2.30 13.66 10.63
C SER A 312 -2.72 14.15 9.25
N HIS A 313 -3.93 13.77 8.85
CA HIS A 313 -4.45 14.29 7.59
C HIS A 313 -4.58 15.80 7.63
N ALA A 314 -4.91 16.37 8.79
CA ALA A 314 -5.07 17.82 8.91
C ALA A 314 -3.77 18.55 8.59
N ALA A 315 -2.64 18.03 9.07
CA ALA A 315 -1.37 18.69 8.81
C ALA A 315 -1.00 18.63 7.34
N VAL A 316 -1.17 17.45 6.71
CA VAL A 316 -0.88 17.33 5.28
C VAL A 316 -1.79 18.23 4.46
N ASP A 317 -3.08 18.30 4.84
CA ASP A 317 -4.03 19.14 4.11
C ASP A 317 -3.66 20.63 4.21
N ALA A 318 -3.08 21.05 5.34
CA ALA A 318 -2.66 22.44 5.49
C ALA A 318 -1.49 22.79 4.56
N LEU A 319 -0.55 21.86 4.37
CA LEU A 319 0.50 22.06 3.37
C LEU A 319 -0.09 22.09 1.96
N CYS A 320 -1.09 21.24 1.70
CA CYS A 320 -1.74 21.24 0.40
C CYS A 320 -2.37 22.59 0.09
N GLU A 321 -3.11 23.16 1.06
CA GLU A 321 -3.73 24.46 0.84
C GLU A 321 -2.68 25.51 0.51
N LYS A 322 -1.53 25.45 1.20
CA LYS A 322 -0.46 26.38 0.92
C LYS A 322 0.10 26.17 -0.47
N ALA A 323 0.39 24.91 -0.82
CA ALA A 323 0.95 24.63 -2.14
C ALA A 323 0.00 25.04 -3.26
N LEU A 324 -1.32 24.90 -3.04
CA LEU A 324 -2.28 25.25 -4.09
C LEU A 324 -2.13 26.70 -4.52
N LYS A 325 -1.79 27.58 -3.58
CA LYS A 325 -1.64 29.01 -3.88
C LYS A 325 -0.36 29.31 -4.64
N TYR A 326 0.71 28.52 -4.40
CA TYR A 326 2.04 28.87 -4.89
C TYR A 326 2.70 27.86 -5.84
N LEU A 327 2.27 26.60 -5.86
CA LEU A 327 2.95 25.61 -6.69
C LEU A 327 2.09 25.19 -7.87
N PRO A 328 2.68 24.74 -8.98
CA PRO A 328 1.87 24.31 -10.12
C PRO A 328 0.99 23.12 -9.75
N ILE A 329 -0.31 23.28 -9.98
CA ILE A 329 -1.27 22.28 -9.50
C ILE A 329 -1.11 20.95 -10.23
N ASP A 330 -0.75 21.01 -11.52
CA ASP A 330 -0.55 19.80 -12.33
C ASP A 330 0.61 18.94 -11.83
N LYS A 331 1.47 19.47 -10.96
CA LYS A 331 2.62 18.74 -10.45
C LYS A 331 2.46 18.30 -9.00
N CYS A 332 1.24 18.35 -8.45
CA CYS A 332 0.96 17.92 -7.09
C CYS A 332 0.03 16.73 -7.07
N SER A 333 0.23 15.87 -6.08
CA SER A 333 -0.70 14.79 -5.81
C SER A 333 -0.87 14.63 -4.32
N ARG A 334 -2.13 14.49 -3.89
CA ARG A 334 -2.47 14.06 -2.53
C ARG A 334 -2.64 12.55 -2.55
N ILE A 335 -1.88 11.85 -1.70
CA ILE A 335 -1.97 10.41 -1.56
C ILE A 335 -2.93 10.07 -0.42
N ILE A 336 -4.02 9.39 -0.75
CA ILE A 336 -5.07 9.05 0.19
C ILE A 336 -5.18 7.53 0.24
N PRO A 337 -5.01 6.88 1.39
CA PRO A 337 -5.06 5.41 1.44
C PRO A 337 -6.38 4.90 0.88
N ALA A 338 -6.29 3.85 0.06
CA ALA A 338 -7.46 3.26 -0.58
C ALA A 338 -8.57 2.96 0.44
N ARG A 339 -8.19 2.42 1.60
CA ARG A 339 -9.13 2.23 2.70
C ARG A 339 -9.39 3.60 3.32
N ALA A 340 -10.25 4.38 2.64
CA ALA A 340 -10.52 5.75 3.03
C ALA A 340 -11.13 5.80 4.43
N ARG A 341 -10.87 6.91 5.13
CA ARG A 341 -11.41 7.09 6.48
C ARG A 341 -12.04 8.47 6.63
N VAL A 342 -11.25 9.52 6.42
CA VAL A 342 -11.71 10.89 6.57
C VAL A 342 -11.60 11.61 5.22
N GLU A 343 -12.23 12.77 5.13
CA GLU A 343 -12.17 13.62 3.96
C GLU A 343 -10.87 14.40 3.97
N CYS A 344 -10.09 14.27 2.90
CA CYS A 344 -8.79 14.92 2.76
C CYS A 344 -8.87 16.01 1.71
N PHE A 345 -7.78 16.76 1.56
CA PHE A 345 -7.70 17.76 0.51
C PHE A 345 -8.08 17.11 -0.82
N ASP A 346 -8.96 17.77 -1.57
CA ASP A 346 -9.51 17.20 -2.80
C ASP A 346 -9.19 18.01 -4.06
N LYS A 347 -8.29 18.98 -3.99
CA LYS A 347 -8.08 19.82 -5.16
C LYS A 347 -6.90 19.40 -6.03
N PHE A 348 -6.11 18.42 -5.61
CA PHE A 348 -5.02 17.87 -6.39
C PHE A 348 -5.45 16.53 -6.97
N LYS A 349 -4.71 16.09 -7.98
CA LYS A 349 -4.82 14.72 -8.46
C LYS A 349 -4.55 13.75 -7.32
N VAL A 350 -5.36 12.70 -7.21
CA VAL A 350 -5.29 11.78 -6.08
C VAL A 350 -4.55 10.51 -6.48
N ASN A 351 -3.54 10.13 -5.68
CA ASN A 351 -2.82 8.86 -5.81
C ASN A 351 -2.01 8.77 -7.10
N SER A 352 -1.38 9.88 -7.48
CA SER A 352 -0.41 9.92 -8.56
C SER A 352 0.96 10.03 -7.88
N THR A 353 1.47 8.88 -7.44
CA THR A 353 2.70 8.81 -6.65
C THR A 353 3.92 9.37 -7.37
N LEU A 354 3.87 9.49 -8.69
CA LEU A 354 5.05 9.88 -9.44
C LEU A 354 5.12 11.38 -9.73
N GLU A 355 4.24 12.18 -9.13
CA GLU A 355 4.28 13.61 -9.33
C GLU A 355 5.45 14.25 -8.58
N GLN A 356 5.84 15.43 -9.04
CA GLN A 356 6.98 16.13 -8.46
C GLN A 356 6.73 16.49 -6.99
N TYR A 357 5.49 16.84 -6.64
CA TYR A 357 5.11 17.17 -5.27
C TYR A 357 4.03 16.20 -4.81
N VAL A 358 4.33 15.45 -3.75
CA VAL A 358 3.44 14.43 -3.21
C VAL A 358 3.13 14.77 -1.76
N PHE A 359 1.86 14.73 -1.39
CA PHE A 359 1.44 15.10 -0.04
C PHE A 359 0.79 13.86 0.57
N CYS A 360 1.33 13.39 1.68
CA CYS A 360 0.93 12.07 2.16
C CYS A 360 1.18 11.97 3.66
N THR A 361 0.22 11.41 4.38
CA THR A 361 0.46 11.10 5.78
C THR A 361 1.50 9.99 5.92
N VAL A 362 2.20 9.98 7.05
CA VAL A 362 3.27 9.00 7.27
C VAL A 362 2.77 7.58 7.05
N ASN A 363 1.62 7.26 7.63
CA ASN A 363 1.09 5.89 7.58
C ASN A 363 0.87 5.41 6.15
N ALA A 364 0.65 6.33 5.22
CA ALA A 364 0.33 5.95 3.85
C ALA A 364 1.49 6.18 2.89
N LEU A 365 2.70 6.39 3.39
CA LEU A 365 3.82 6.74 2.52
C LEU A 365 4.11 5.59 1.55
N PRO A 366 4.20 5.84 0.26
CA PRO A 366 4.72 4.82 -0.65
C PRO A 366 6.23 4.72 -0.49
N GLU A 367 6.77 3.62 -0.97
CA GLU A 367 8.22 3.43 -1.05
C GLU A 367 8.68 4.18 -2.28
N THR A 368 9.40 5.27 -2.10
CA THR A 368 9.90 6.04 -3.24
C THR A 368 11.12 6.84 -2.78
N THR A 369 11.62 7.65 -3.70
CA THR A 369 12.76 8.51 -3.45
C THR A 369 12.34 9.95 -3.65
N ALA A 370 13.16 10.88 -3.18
CA ALA A 370 12.90 12.30 -3.33
C ALA A 370 14.20 13.05 -3.22
N ASP A 371 14.19 14.29 -3.70
CA ASP A 371 15.31 15.18 -3.43
C ASP A 371 15.22 15.76 -2.02
N ILE A 372 14.01 16.08 -1.58
CA ILE A 372 13.77 16.63 -0.24
C ILE A 372 12.52 15.96 0.35
N VAL A 373 12.62 15.49 1.58
CA VAL A 373 11.46 15.10 2.36
C VAL A 373 11.23 16.16 3.42
N VAL A 374 10.01 16.71 3.46
CA VAL A 374 9.58 17.64 4.48
C VAL A 374 8.59 16.91 5.38
N PHE A 375 8.92 16.79 6.66
CA PHE A 375 8.09 16.13 7.67
C PHE A 375 7.65 17.22 8.65
N ASP A 376 6.37 17.59 8.59
CA ASP A 376 5.81 18.70 9.35
C ASP A 376 5.14 18.21 10.64
N GLU A 377 4.86 19.16 11.55
CA GLU A 377 4.27 18.91 12.87
C GLU A 377 5.06 17.87 13.68
N ILE A 378 6.37 18.07 13.75
CA ILE A 378 7.26 17.03 14.24
C ILE A 378 7.02 16.71 15.73
N SER A 379 6.51 17.68 16.50
CA SER A 379 6.22 17.39 17.91
C SER A 379 5.20 16.26 18.06
N MET A 380 4.33 16.06 17.07
CA MET A 380 3.32 15.01 17.10
C MET A 380 3.85 13.64 16.67
N ALA A 381 5.03 13.57 16.10
CA ALA A 381 5.54 12.29 15.64
C ALA A 381 6.12 11.49 16.80
N THR A 382 6.10 10.17 16.64
CA THR A 382 6.79 9.25 17.53
C THR A 382 8.03 8.71 16.86
N ASN A 383 8.86 8.01 17.64
CA ASN A 383 10.04 7.38 17.05
C ASN A 383 9.67 6.32 16.04
N TYR A 384 8.50 5.67 16.21
CA TYR A 384 8.05 4.72 15.20
C TYR A 384 7.80 5.42 13.87
N ASP A 385 7.15 6.60 13.91
CA ASP A 385 6.91 7.38 12.69
C ASP A 385 8.22 7.76 12.01
N LEU A 386 9.17 8.28 12.77
CA LEU A 386 10.45 8.71 12.20
C LEU A 386 11.18 7.56 11.53
N SER A 387 11.13 6.37 12.12
CA SER A 387 11.75 5.21 11.50
C SER A 387 11.02 4.83 10.22
N VAL A 388 9.69 4.82 10.27
CA VAL A 388 8.91 4.47 9.08
C VAL A 388 9.25 5.42 7.94
N VAL A 389 9.37 6.71 8.24
CA VAL A 389 9.69 7.69 7.20
C VAL A 389 11.04 7.41 6.58
N ASN A 390 12.03 7.06 7.41
CA ASN A 390 13.34 6.77 6.82
C ASN A 390 13.34 5.46 6.04
N ALA A 391 12.47 4.52 6.41
CA ALA A 391 12.45 3.25 5.73
C ALA A 391 11.78 3.35 4.37
N ARG A 392 10.74 4.19 4.25
CA ARG A 392 10.00 4.29 2.99
C ARG A 392 10.55 5.36 2.05
N LEU A 393 11.15 6.42 2.58
CA LEU A 393 11.58 7.58 1.81
C LEU A 393 13.10 7.65 1.82
N ARG A 394 13.70 7.38 0.67
CA ARG A 394 15.14 7.57 0.47
C ARG A 394 15.31 8.93 -0.19
N ALA A 395 15.89 9.87 0.54
CA ALA A 395 15.97 11.26 0.10
C ALA A 395 17.40 11.77 0.20
N LYS A 396 17.67 12.84 -0.54
CA LYS A 396 18.98 13.49 -0.43
C LYS A 396 19.02 14.44 0.76
N HIS A 397 17.86 14.97 1.17
CA HIS A 397 17.75 15.92 2.27
C HIS A 397 16.43 15.71 3.01
N TYR A 398 16.48 15.78 4.33
CA TYR A 398 15.31 15.65 5.18
C TYR A 398 15.17 16.92 6.00
N VAL A 399 13.98 17.53 5.99
CA VAL A 399 13.72 18.72 6.78
C VAL A 399 12.62 18.41 7.80
N TYR A 400 12.94 18.54 9.08
CA TYR A 400 11.96 18.30 10.13
C TYR A 400 11.45 19.64 10.67
N ILE A 401 10.15 19.88 10.51
CA ILE A 401 9.54 21.14 10.89
C ILE A 401 8.58 20.90 12.03
N GLY A 402 8.67 21.74 13.06
CA GLY A 402 7.75 21.64 14.17
C GLY A 402 8.16 22.58 15.30
N ASP A 403 7.70 22.24 16.49
CA ASP A 403 7.90 23.08 17.65
C ASP A 403 7.79 22.22 18.91
N PRO A 404 8.88 21.97 19.63
CA PRO A 404 8.79 21.16 20.85
C PRO A 404 8.07 21.85 22.00
N ALA A 405 7.74 23.13 21.87
CA ALA A 405 6.86 23.79 22.84
C ALA A 405 5.37 23.59 22.52
N GLN A 406 5.03 22.81 21.51
CA GLN A 406 3.64 22.48 21.27
C GLN A 406 3.36 21.04 21.75
N LEU A 407 2.24 20.46 21.31
CA LEU A 407 1.81 19.25 21.99
C LEU A 407 2.31 17.98 21.29
N PRO A 408 2.52 16.91 22.06
CA PRO A 408 2.94 15.63 21.47
C PRO A 408 1.75 14.73 21.16
N ALA A 409 2.06 13.60 20.52
CA ALA A 409 1.05 12.58 20.34
C ALA A 409 0.68 12.02 21.70
N PRO A 410 -0.60 11.78 21.97
CA PRO A 410 -0.97 11.19 23.26
C PRO A 410 -0.37 9.80 23.40
N ARG A 411 0.17 9.52 24.58
CA ARG A 411 0.67 8.18 24.91
C ARG A 411 -0.41 7.52 25.77
N THR A 412 -1.18 6.61 25.17
CA THR A 412 -2.35 6.09 25.86
C THR A 412 -1.99 5.27 27.10
N LEU A 413 -0.78 4.73 27.20
CA LEU A 413 -0.42 3.90 28.34
C LEU A 413 0.19 4.69 29.50
N LEU A 414 0.69 5.90 29.24
CA LEU A 414 1.40 6.68 30.25
C LEU A 414 0.42 7.29 31.25
N THR A 415 0.54 6.88 32.52
CA THR A 415 -0.28 7.42 33.60
C THR A 415 0.52 8.07 34.73
N LYS A 416 1.80 7.75 34.89
CA LYS A 416 2.59 8.23 36.02
C LYS A 416 3.71 9.13 35.52
N GLY A 417 3.59 10.43 35.79
CA GLY A 417 4.59 11.38 35.38
C GLY A 417 4.22 12.05 34.06
N THR A 418 4.82 13.22 33.84
CA THR A 418 4.60 13.97 32.62
C THR A 418 5.79 13.82 31.69
N LEU A 419 5.50 13.77 30.40
CA LEU A 419 6.51 13.60 29.36
C LEU A 419 6.97 14.99 28.91
N GLU A 420 8.23 15.32 29.17
CA GLU A 420 8.77 16.61 28.77
C GLU A 420 9.13 16.62 27.28
N PRO A 421 9.19 17.81 26.67
CA PRO A 421 9.45 17.89 25.22
C PRO A 421 10.73 17.22 24.77
N GLU A 422 11.79 17.25 25.58
CA GLU A 422 13.04 16.65 25.13
C GLU A 422 12.91 15.15 24.86
N TYR A 423 11.82 14.53 25.31
CA TYR A 423 11.63 13.09 25.14
C TYR A 423 10.46 12.75 24.23
N PHE A 424 9.93 13.73 23.49
CA PHE A 424 8.84 13.46 22.54
C PHE A 424 9.29 12.48 21.45
N ASN A 425 10.48 12.69 20.89
CA ASN A 425 11.07 11.87 19.84
C ASN A 425 12.49 12.37 19.61
N SER A 426 13.21 11.74 18.68
CA SER A 426 14.62 12.04 18.49
C SER A 426 14.84 13.46 17.99
N VAL A 427 13.92 13.98 17.18
CA VAL A 427 14.07 15.32 16.61
C VAL A 427 13.83 16.38 17.69
N CYS A 428 12.76 16.22 18.47
CA CYS A 428 12.53 17.13 19.59
C CYS A 428 13.65 17.07 20.62
N ARG A 429 14.27 15.89 20.79
CA ARG A 429 15.40 15.82 21.70
C ARG A 429 16.57 16.67 21.20
N LEU A 430 16.87 16.59 19.91
CA LEU A 430 17.93 17.43 19.34
C LEU A 430 17.59 18.91 19.51
N MET A 431 16.35 19.29 19.20
CA MET A 431 15.98 20.71 19.30
C MET A 431 16.07 21.21 20.73
N LYS A 432 15.88 20.32 21.71
CA LYS A 432 15.93 20.74 23.10
C LYS A 432 17.31 20.66 23.70
N THR A 433 18.21 19.88 23.10
CA THR A 433 19.56 19.67 23.64
C THR A 433 20.61 20.50 22.93
N ILE A 434 20.77 20.30 21.61
CA ILE A 434 21.75 21.10 20.89
C ILE A 434 21.13 22.32 20.24
N GLY A 435 19.80 22.38 20.15
CA GLY A 435 19.13 23.48 19.48
C GLY A 435 18.73 23.12 18.07
N PRO A 436 17.73 23.83 17.55
CA PRO A 436 17.30 23.61 16.17
C PRO A 436 18.29 24.22 15.20
N ASP A 437 18.38 23.62 14.01
CA ASP A 437 19.24 24.19 12.96
C ASP A 437 18.76 25.58 12.58
N MET A 438 17.46 25.82 12.65
CA MET A 438 16.85 27.04 12.16
C MET A 438 15.71 27.37 13.11
N PHE A 439 15.40 28.65 13.22
CA PHE A 439 14.38 29.14 14.14
C PHE A 439 13.64 30.29 13.47
N LEU A 440 12.32 30.19 13.39
CA LEU A 440 11.49 31.27 12.84
C LEU A 440 11.07 32.15 14.01
N GLY A 441 11.61 33.37 14.07
CA GLY A 441 11.57 34.13 15.30
C GLY A 441 10.54 35.23 15.42
N THR A 442 9.66 35.40 14.44
CA THR A 442 8.70 36.49 14.49
C THR A 442 7.30 35.92 14.29
N CYS A 443 6.48 36.05 15.32
CA CYS A 443 5.09 35.64 15.23
C CYS A 443 4.31 36.73 14.51
N ARG A 444 3.70 36.38 13.38
CA ARG A 444 2.90 37.31 12.60
C ARG A 444 1.42 37.14 12.84
N ARG A 445 1.01 36.14 13.62
CA ARG A 445 -0.41 35.87 13.80
C ARG A 445 -1.02 36.62 14.98
N CYS A 446 -0.35 36.63 16.13
CA CYS A 446 -1.06 36.91 17.37
C CYS A 446 -0.85 38.34 17.83
N PRO A 447 -1.82 38.90 18.55
CA PRO A 447 -1.62 40.20 19.21
C PRO A 447 -0.41 40.11 20.11
N ALA A 448 0.25 41.25 20.32
CA ALA A 448 1.50 41.25 21.08
C ALA A 448 1.33 40.79 22.53
N GLU A 449 0.15 40.93 23.12
CA GLU A 449 -0.05 40.48 24.50
C GLU A 449 0.20 38.98 24.62
N ILE A 450 -0.32 38.22 23.66
CA ILE A 450 -0.08 36.79 23.62
C ILE A 450 1.38 36.49 23.33
N VAL A 451 1.94 37.16 22.31
CA VAL A 451 3.31 36.85 21.91
C VAL A 451 4.25 37.02 23.10
N ASP A 452 4.11 38.15 23.80
CA ASP A 452 4.96 38.43 24.97
C ASP A 452 4.78 37.37 26.06
N THR A 453 3.54 36.92 26.31
CA THR A 453 3.32 35.89 27.32
C THR A 453 4.03 34.57 26.98
N VAL A 454 3.79 34.02 25.78
CA VAL A 454 4.40 32.74 25.45
C VAL A 454 5.89 32.85 25.19
N SER A 455 6.36 33.99 24.68
CA SER A 455 7.79 34.18 24.48
C SER A 455 8.55 33.99 25.78
N ALA A 456 8.06 34.63 26.85
CA ALA A 456 8.66 34.42 28.18
C ALA A 456 8.32 33.04 28.74
N LEU A 457 7.18 32.45 28.38
CA LEU A 457 6.76 31.21 29.03
C LEU A 457 7.59 30.03 28.56
N VAL A 458 7.80 29.89 27.25
CA VAL A 458 8.43 28.70 26.69
C VAL A 458 9.51 29.00 25.68
N TYR A 459 9.75 30.25 25.31
CA TYR A 459 10.67 30.55 24.22
C TYR A 459 11.88 31.34 24.66
N ASP A 460 12.20 31.32 25.96
CA ASP A 460 13.35 32.03 26.52
C ASP A 460 13.43 33.48 26.05
N ASN A 461 12.26 34.11 25.85
CA ASN A 461 12.14 35.50 25.41
C ASN A 461 12.66 35.71 23.98
N LYS A 462 12.76 34.66 23.18
CA LYS A 462 13.34 34.77 21.85
C LYS A 462 12.30 34.99 20.75
N LEU A 463 11.01 34.96 21.07
CA LEU A 463 9.96 35.13 20.08
C LEU A 463 9.53 36.59 20.05
N LYS A 464 9.52 37.19 18.85
CA LYS A 464 9.17 38.58 18.70
C LYS A 464 7.76 38.71 18.13
N ALA A 465 7.07 39.77 18.52
CA ALA A 465 5.75 40.08 17.98
C ALA A 465 5.90 41.03 16.80
N HIS A 466 5.27 40.69 15.70
CA HIS A 466 5.14 41.66 14.61
C HIS A 466 3.94 42.55 14.80
N LYS A 467 2.88 42.02 15.39
CA LYS A 467 1.68 42.80 15.59
C LYS A 467 1.81 43.66 16.83
N ASP A 468 1.01 44.72 16.87
CA ASP A 468 0.84 45.54 18.05
C ASP A 468 0.02 44.77 19.08
N LYS A 469 -0.02 45.28 20.31
CA LYS A 469 -1.00 44.82 21.26
C LYS A 469 -2.38 45.11 20.69
N SER A 470 -3.31 44.16 20.81
CA SER A 470 -4.64 44.39 20.27
C SER A 470 -5.57 45.08 21.25
N ALA A 471 -5.30 45.02 22.56
CA ALA A 471 -6.21 45.53 23.58
C ALA A 471 -7.56 44.81 23.53
N GLN A 472 -7.57 43.58 23.03
CA GLN A 472 -8.72 42.69 23.07
C GLN A 472 -8.35 41.36 23.72
N CYS A 473 -7.33 41.37 24.57
CA CYS A 473 -6.88 40.18 25.29
C CYS A 473 -7.22 40.36 26.77
N PHE A 474 -8.06 39.48 27.30
CA PHE A 474 -8.65 39.62 28.62
C PHE A 474 -8.46 38.36 29.45
N LYS A 475 -8.32 38.52 30.76
CA LYS A 475 -8.19 37.35 31.63
C LYS A 475 -9.11 37.51 32.82
N MET A 476 -9.66 36.40 33.32
CA MET A 476 -10.42 36.43 34.56
CA MET A 476 -10.44 36.42 34.54
C MET A 476 -10.06 35.25 35.46
N PHE A 477 -9.80 35.53 36.74
CA PHE A 477 -9.51 34.44 37.68
C PHE A 477 -10.82 33.97 38.30
N TYR A 478 -11.27 32.77 37.95
CA TYR A 478 -12.59 32.29 38.40
C TYR A 478 -12.59 30.77 38.54
N LYS A 479 -12.46 30.26 39.78
CA LYS A 479 -12.34 28.82 40.00
C LYS A 479 -13.63 28.06 39.62
N GLY A 480 -14.79 28.56 40.00
CA GLY A 480 -16.03 27.93 39.57
C GLY A 480 -16.33 26.64 40.32
N VAL A 481 -17.02 25.71 39.65
CA VAL A 481 -17.33 24.40 40.24
C VAL A 481 -16.98 23.32 39.23
N ILE A 482 -16.24 22.31 39.68
CA ILE A 482 -15.72 21.29 38.79
C ILE A 482 -16.53 20.02 38.96
N THR A 483 -17.30 19.68 37.95
CA THR A 483 -17.97 18.39 37.86
C THR A 483 -17.25 17.53 36.83
N HIS A 484 -17.57 16.24 36.83
CA HIS A 484 -16.86 15.30 35.99
C HIS A 484 -17.85 14.37 35.32
N ASP A 485 -17.57 14.04 34.06
CA ASP A 485 -18.23 12.97 33.33
C ASP A 485 -17.13 11.94 33.15
N VAL A 486 -17.08 10.97 34.08
CA VAL A 486 -15.97 10.03 34.17
C VAL A 486 -14.74 10.84 34.55
N SER A 487 -13.76 10.96 33.64
CA SER A 487 -12.56 11.73 33.92
C SER A 487 -12.47 13.04 33.15
N SER A 488 -13.43 13.33 32.27
CA SER A 488 -13.43 14.60 31.56
C SER A 488 -14.14 15.65 32.42
N ALA A 489 -13.48 16.78 32.63
CA ALA A 489 -13.99 17.76 33.58
C ALA A 489 -14.90 18.78 32.90
N ILE A 490 -15.79 19.36 33.70
CA ILE A 490 -16.77 20.34 33.26
C ILE A 490 -16.76 21.44 34.32
N ASN A 491 -16.88 22.69 33.91
CA ASN A 491 -16.98 23.78 34.87
C ASN A 491 -18.11 24.73 34.46
N ARG A 492 -19.33 24.43 34.90
CA ARG A 492 -20.48 25.23 34.49
C ARG A 492 -20.39 26.69 34.91
N PRO A 493 -20.00 27.03 36.15
CA PRO A 493 -19.78 28.46 36.45
C PRO A 493 -18.85 29.16 35.47
N GLN A 494 -17.75 28.55 35.06
CA GLN A 494 -16.85 29.23 34.13
C GLN A 494 -17.56 29.51 32.82
N ILE A 495 -18.41 28.58 32.38
CA ILE A 495 -19.18 28.80 31.18
C ILE A 495 -20.25 29.87 31.40
N GLY A 496 -20.85 29.94 32.59
CA GLY A 496 -21.79 31.01 32.88
C GLY A 496 -21.14 32.38 32.79
N VAL A 497 -19.91 32.51 33.31
CA VAL A 497 -19.16 33.74 33.16
C VAL A 497 -19.00 34.10 31.68
N VAL A 498 -18.76 33.09 30.84
CA VAL A 498 -18.54 33.38 29.42
C VAL A 498 -19.82 33.91 28.80
N ARG A 499 -20.96 33.27 29.13
CA ARG A 499 -22.25 33.75 28.64
C ARG A 499 -22.46 35.22 29.02
N GLU A 500 -22.15 35.57 30.27
CA GLU A 500 -22.30 36.97 30.69
C GLU A 500 -21.40 37.88 29.85
N PHE A 501 -20.17 37.46 29.59
CA PHE A 501 -19.24 38.25 28.79
C PHE A 501 -19.82 38.52 27.42
N LEU A 502 -20.36 37.47 26.77
CA LEU A 502 -20.89 37.60 25.42
C LEU A 502 -22.05 38.59 25.33
N THR A 503 -22.89 38.69 26.37
CA THR A 503 -23.97 39.68 26.30
C THR A 503 -23.43 41.10 26.19
N ARG A 504 -22.23 41.33 26.71
CA ARG A 504 -21.65 42.66 26.78
C ARG A 504 -20.56 42.89 25.75
N ASN A 505 -20.24 41.87 24.95
CA ASN A 505 -19.19 41.96 23.92
C ASN A 505 -19.66 41.27 22.64
N PRO A 506 -20.60 41.88 21.92
CA PRO A 506 -21.23 41.19 20.77
C PRO A 506 -20.29 40.88 19.61
N ALA A 507 -19.13 41.52 19.52
CA ALA A 507 -18.19 41.18 18.46
C ALA A 507 -17.59 39.81 18.65
N TRP A 508 -17.75 39.23 19.84
CA TRP A 508 -17.22 37.91 20.14
C TRP A 508 -18.20 36.80 19.81
N ARG A 509 -19.39 37.13 19.28
CA ARG A 509 -20.36 36.07 18.98
C ARG A 509 -19.79 35.03 18.03
N LYS A 510 -18.76 35.38 17.27
CA LYS A 510 -18.12 34.51 16.29
C LYS A 510 -16.87 33.84 16.83
N ALA A 511 -16.65 33.86 18.15
CA ALA A 511 -15.44 33.27 18.67
C ALA A 511 -15.55 31.75 18.71
N VAL A 512 -14.40 31.10 18.80
CA VAL A 512 -14.33 29.66 18.98
C VAL A 512 -14.04 29.42 20.44
N PHE A 513 -14.78 28.49 21.04
CA PHE A 513 -14.57 28.07 22.42
C PHE A 513 -13.53 26.97 22.47
N ILE A 514 -12.53 27.11 23.32
CA ILE A 514 -11.48 26.12 23.48
C ILE A 514 -11.34 25.77 24.95
N SER A 515 -11.28 24.48 25.26
CA SER A 515 -11.06 23.99 26.61
C SER A 515 -10.14 22.77 26.55
N PRO A 516 -9.45 22.45 27.64
CA PRO A 516 -8.68 21.20 27.66
C PRO A 516 -9.53 19.93 27.72
N TYR A 517 -10.88 20.02 27.84
CA TYR A 517 -11.71 18.84 28.05
C TYR A 517 -12.87 18.75 27.06
N ASN A 518 -13.09 17.55 26.53
CA ASN A 518 -14.20 17.32 25.61
C ASN A 518 -15.54 17.59 26.30
N SER A 519 -15.70 17.13 27.54
CA SER A 519 -16.99 17.28 28.22
C SER A 519 -17.34 18.76 28.41
N GLN A 520 -16.36 19.57 28.81
CA GLN A 520 -16.59 21.01 28.92
C GLN A 520 -17.02 21.55 27.56
N ASN A 521 -16.32 21.15 26.50
CA ASN A 521 -16.67 21.67 25.18
C ASN A 521 -18.11 21.34 24.86
N ALA A 522 -18.56 20.14 25.24
CA ALA A 522 -19.92 19.72 24.92
C ALA A 522 -20.95 20.58 25.65
N VAL A 523 -20.71 20.86 26.94
CA VAL A 523 -21.58 21.75 27.70
C VAL A 523 -21.59 23.15 27.08
N ALA A 524 -20.43 23.65 26.65
CA ALA A 524 -20.37 24.97 26.03
C ALA A 524 -21.15 25.00 24.71
N SER A 525 -21.06 23.95 23.91
CA SER A 525 -21.79 23.94 22.64
C SER A 525 -23.27 24.21 22.89
N LYS A 526 -23.87 23.47 23.84
CA LYS A 526 -25.30 23.62 24.08
C LYS A 526 -25.63 24.98 24.70
N ILE A 527 -24.82 25.45 25.65
CA ILE A 527 -25.17 26.66 26.39
C ILE A 527 -24.87 27.93 25.60
N LEU A 528 -23.72 27.98 24.93
CA LEU A 528 -23.22 29.18 24.29
C LEU A 528 -23.47 29.22 22.79
N GLY A 529 -23.55 28.06 22.11
CA GLY A 529 -23.86 28.02 20.70
C GLY A 529 -22.67 28.23 19.78
N LEU A 530 -21.49 28.44 20.34
CA LEU A 530 -20.26 28.69 19.60
C LEU A 530 -19.64 27.39 19.10
N PRO A 531 -18.83 27.45 18.05
CA PRO A 531 -18.03 26.27 17.67
C PRO A 531 -17.03 26.02 18.78
N THR A 532 -16.69 24.75 18.98
CA THR A 532 -15.83 24.40 20.11
C THR A 532 -14.67 23.52 19.66
N GLN A 533 -13.57 23.59 20.38
CA GLN A 533 -12.45 22.73 20.02
C GLN A 533 -11.62 22.48 21.26
N THR A 534 -11.05 21.30 21.38
CA THR A 534 -10.08 21.06 22.45
C THR A 534 -8.77 21.70 22.04
N VAL A 535 -7.95 22.07 23.04
CA VAL A 535 -6.63 22.61 22.71
C VAL A 535 -5.92 21.71 21.72
N ASP A 536 -5.82 20.42 22.05
CA ASP A 536 -5.04 19.49 21.23
C ASP A 536 -5.53 19.48 19.80
N SER A 537 -6.85 19.45 19.59
CA SER A 537 -7.36 19.53 18.22
C SER A 537 -7.23 20.94 17.62
N SER A 538 -7.03 21.98 18.45
CA SER A 538 -6.86 23.30 17.84
C SER A 538 -5.46 23.53 17.28
N GLN A 539 -4.54 22.59 17.47
CA GLN A 539 -3.16 22.83 17.06
C GLN A 539 -3.08 22.93 15.55
N GLY A 540 -2.38 23.95 15.06
CA GLY A 540 -2.32 24.20 13.64
C GLY A 540 -3.43 25.09 13.12
N SER A 541 -4.42 25.43 13.94
CA SER A 541 -5.49 26.35 13.57
C SER A 541 -5.31 27.75 14.13
N GLU A 542 -6.04 28.68 13.51
CA GLU A 542 -6.09 30.08 13.92
C GLU A 542 -7.52 30.62 13.75
N TYR A 543 -7.90 31.52 14.65
CA TYR A 543 -9.24 32.11 14.68
C TYR A 543 -9.11 33.55 15.14
N ASP A 544 -10.02 34.40 14.68
CA ASP A 544 -10.00 35.81 15.09
C ASP A 544 -10.13 35.96 16.60
N TYR A 545 -11.15 35.33 17.18
CA TYR A 545 -11.42 35.44 18.61
C TYR A 545 -11.51 34.05 19.22
N VAL A 546 -10.87 33.89 20.37
CA VAL A 546 -10.87 32.61 21.06
C VAL A 546 -11.34 32.87 22.49
N ILE A 547 -12.16 31.96 23.03
CA ILE A 547 -12.56 31.98 24.43
C ILE A 547 -12.06 30.69 25.05
N PHE A 548 -11.17 30.82 26.03
CA PHE A 548 -10.56 29.69 26.71
C PHE A 548 -11.00 29.62 28.17
N THR A 549 -11.46 28.43 28.59
CA THR A 549 -11.86 28.15 29.97
C THR A 549 -10.93 27.04 30.47
N GLN A 550 -10.07 27.36 31.44
CA GLN A 550 -9.14 26.33 31.83
C GLN A 550 -9.84 25.13 32.45
N THR A 551 -11.03 25.34 33.03
CA THR A 551 -11.90 24.27 33.55
C THR A 551 -11.50 23.76 34.93
N THR A 552 -10.24 23.36 35.08
CA THR A 552 -9.73 22.77 36.31
C THR A 552 -8.27 23.17 36.49
N GLU A 553 -7.74 22.85 37.66
CA GLU A 553 -6.32 23.00 37.97
C GLU A 553 -5.75 21.58 38.04
N THR A 554 -5.32 21.05 36.91
CA THR A 554 -4.76 19.71 36.85
C THR A 554 -3.43 19.81 36.11
N ALA A 555 -2.64 18.75 36.16
CA ALA A 555 -1.43 18.73 35.36
C ALA A 555 -1.77 18.91 33.88
N HIS A 556 -2.89 18.32 33.45
CA HIS A 556 -3.35 18.42 32.07
C HIS A 556 -3.68 19.86 31.69
N SER A 557 -4.49 20.53 32.51
CA SER A 557 -4.98 21.87 32.22
C SER A 557 -3.92 22.94 32.39
N CYS A 558 -2.86 22.66 33.18
CA CYS A 558 -1.79 23.61 33.45
C CYS A 558 -0.50 23.33 32.69
N ASN A 559 -0.40 22.25 31.95
CA ASN A 559 0.79 21.99 31.14
C ASN A 559 1.09 23.19 30.25
N VAL A 560 2.35 23.65 30.28
CA VAL A 560 2.70 24.88 29.58
C VAL A 560 2.63 24.73 28.07
N ASN A 561 2.92 23.54 27.54
CA ASN A 561 2.81 23.36 26.09
C ASN A 561 1.36 23.52 25.65
N ARG A 562 0.44 22.89 26.39
CA ARG A 562 -0.98 22.98 26.04
C ARG A 562 -1.46 24.42 26.17
N PHE A 563 -1.00 25.12 27.21
CA PHE A 563 -1.42 26.50 27.39
C PHE A 563 -0.90 27.39 26.28
N ASN A 564 0.35 27.17 25.86
CA ASN A 564 0.94 27.88 24.72
C ASN A 564 0.02 27.71 23.51
N VAL A 565 -0.25 26.46 23.17
CA VAL A 565 -1.08 26.20 21.99
C VAL A 565 -2.40 26.94 22.13
N ALA A 566 -3.13 26.67 23.22
CA ALA A 566 -4.42 27.31 23.50
C ALA A 566 -4.46 28.81 23.18
N ILE A 567 -3.54 29.61 23.74
CA ILE A 567 -3.71 31.05 23.57
C ILE A 567 -3.16 31.58 22.25
N THR A 568 -2.41 30.76 21.49
CA THR A 568 -1.79 31.20 20.25
C THR A 568 -2.66 30.92 19.04
N ARG A 569 -3.89 30.46 19.26
CA ARG A 569 -4.77 30.29 18.10
C ARG A 569 -5.41 31.61 17.70
N ALA A 570 -5.36 32.63 18.54
CA ALA A 570 -6.15 33.84 18.34
C ALA A 570 -5.44 34.85 17.45
N LYS A 571 -6.17 35.43 16.50
CA LYS A 571 -5.61 36.46 15.64
C LYS A 571 -5.91 37.88 16.12
N VAL A 572 -7.04 38.08 16.81
CA VAL A 572 -7.44 39.42 17.23
C VAL A 572 -7.55 39.51 18.76
N GLY A 573 -8.36 38.65 19.35
CA GLY A 573 -8.72 38.77 20.75
C GLY A 573 -8.78 37.43 21.43
N ILE A 574 -8.50 37.42 22.72
CA ILE A 574 -8.76 36.21 23.49
C ILE A 574 -9.26 36.56 24.90
N LEU A 575 -10.24 35.79 25.38
CA LEU A 575 -10.65 35.75 26.78
C LEU A 575 -10.22 34.43 27.41
N CYS A 576 -9.49 34.50 28.52
CA CYS A 576 -9.07 33.33 29.27
C CYS A 576 -9.72 33.35 30.64
N ILE A 577 -10.58 32.38 30.91
CA ILE A 577 -11.13 32.18 32.25
C ILE A 577 -10.24 31.12 32.91
N MET A 578 -9.47 31.54 33.91
CA MET A 578 -8.39 30.72 34.47
C MET A 578 -8.73 30.20 35.87
N SER A 579 -8.15 29.03 36.20
CA SER A 579 -8.24 28.45 37.54
C SER A 579 -6.92 28.46 38.29
N ASP A 580 -5.79 28.51 37.60
CA ASP A 580 -4.47 28.43 38.22
C ASP A 580 -3.87 29.82 38.41
N ARG A 581 -3.46 30.14 39.65
CA ARG A 581 -2.91 31.47 39.96
C ARG A 581 -1.66 31.77 39.15
N ASP A 582 -0.77 30.80 39.00
CA ASP A 582 0.50 31.06 38.31
C ASP A 582 0.28 31.45 36.87
N LEU A 583 -0.50 30.65 36.14
CA LEU A 583 -0.68 30.92 34.71
C LEU A 583 -1.48 32.19 34.50
N TYR A 584 -2.50 32.43 35.34
CA TYR A 584 -3.25 33.68 35.30
C TYR A 584 -2.30 34.87 35.41
N ASP A 585 -1.39 34.86 36.39
CA ASP A 585 -0.51 36.00 36.59
C ASP A 585 0.38 36.26 35.38
N LYS A 586 0.82 35.20 34.68
CA LYS A 586 1.73 35.34 33.55
C LYS A 586 1.02 35.84 32.29
N LEU A 587 -0.29 35.77 32.24
CA LEU A 587 -1.01 36.28 31.08
C LEU A 587 -0.92 37.80 31.05
N GLN A 588 -0.27 38.34 30.01
CA GLN A 588 -0.09 39.79 29.97
C GLN A 588 -1.30 40.49 29.36
N PHE A 589 -2.47 40.20 29.93
CA PHE A 589 -3.76 40.69 29.46
C PHE A 589 -4.36 41.64 30.49
N THR A 590 -5.41 42.33 30.09
CA THR A 590 -6.18 43.14 31.00
C THR A 590 -7.10 42.24 31.80
N SER A 591 -7.11 42.40 33.13
CA SER A 591 -7.99 41.61 33.97
C SER A 591 -9.41 42.18 33.98
N LEU A 592 -10.38 41.29 33.96
CA LEU A 592 -11.79 41.66 34.00
C LEU A 592 -12.35 41.38 35.39
N GLU A 593 -13.31 42.20 35.80
CA GLU A 593 -13.89 42.15 37.14
C GLU A 593 -14.94 41.05 37.21
N ILE A 594 -15.72 41.07 38.30
CA ILE A 594 -16.75 40.09 38.63
C ILE A 594 -16.09 38.78 39.06
N SER B 1 17.98 15.20 -11.49
CA SER B 1 16.83 14.77 -10.70
C SER B 1 15.77 14.09 -11.57
N MET B 2 14.54 14.61 -11.53
CA MET B 2 13.45 13.98 -12.27
C MET B 2 13.65 14.09 -13.77
N ALA B 3 14.30 15.15 -14.24
CA ALA B 3 14.40 15.43 -15.66
C ALA B 3 15.60 14.79 -16.34
N VAL B 4 16.44 14.08 -15.59
CA VAL B 4 17.67 13.49 -16.13
C VAL B 4 17.63 11.98 -15.96
N GLY B 5 18.01 11.26 -17.01
CA GLY B 5 17.97 9.82 -16.96
C GLY B 5 18.53 9.21 -18.22
N ALA B 6 18.16 7.96 -18.47
CA ALA B 6 18.78 7.16 -19.53
C ALA B 6 17.81 6.92 -20.68
N CYS B 7 18.32 7.06 -21.91
CA CYS B 7 17.50 6.90 -23.10
C CYS B 7 16.90 5.51 -23.17
N VAL B 8 15.60 5.44 -23.49
CA VAL B 8 14.94 4.14 -23.59
C VAL B 8 15.51 3.30 -24.74
N LEU B 9 16.18 3.92 -25.71
CA LEU B 9 16.68 3.18 -26.86
C LEU B 9 18.17 2.88 -26.78
N CYS B 10 18.99 3.79 -26.26
CA CYS B 10 20.44 3.57 -26.25
C CYS B 10 21.07 3.74 -24.88
N ASN B 11 20.27 3.90 -23.83
CA ASN B 11 20.74 4.03 -22.45
C ASN B 11 21.67 5.22 -22.23
N SER B 12 21.88 6.08 -23.22
CA SER B 12 22.72 7.25 -23.04
C SER B 12 22.05 8.25 -22.10
N GLN B 13 22.87 8.99 -21.35
CA GLN B 13 22.32 9.98 -20.44
C GLN B 13 21.64 11.08 -21.23
N THR B 14 20.58 11.65 -20.65
CA THR B 14 19.82 12.67 -21.34
C THR B 14 19.05 13.53 -20.34
N SER B 15 18.79 14.77 -20.73
CA SER B 15 17.89 15.66 -20.00
C SER B 15 16.57 15.86 -20.74
N LEU B 16 16.24 14.99 -21.69
CA LEU B 16 15.05 15.15 -22.50
C LEU B 16 14.11 13.98 -22.30
N ARG B 17 12.81 14.27 -22.38
CA ARG B 17 11.75 13.27 -22.39
C ARG B 17 10.75 13.66 -23.45
N CYS B 18 10.15 12.67 -24.09
CA CYS B 18 9.08 12.97 -25.04
C CYS B 18 7.82 13.33 -24.25
N GLY B 19 7.32 14.54 -24.47
CA GLY B 19 6.11 14.98 -23.78
C GLY B 19 4.82 14.45 -24.38
N ALA B 20 4.86 13.93 -25.60
CA ALA B 20 3.68 13.40 -26.26
C ALA B 20 3.49 11.90 -26.08
N CYS B 21 4.55 11.15 -25.76
CA CYS B 21 4.36 9.76 -25.37
C CYS B 21 3.73 9.70 -23.99
N ILE B 22 2.80 8.76 -23.81
CA ILE B 22 2.07 8.70 -22.54
C ILE B 22 2.98 8.40 -21.37
N ARG B 23 4.12 7.74 -21.61
CA ARG B 23 5.01 7.32 -20.53
C ARG B 23 6.18 8.27 -20.34
N ARG B 24 6.24 9.37 -21.09
CA ARG B 24 7.30 10.38 -21.01
C ARG B 24 8.69 9.76 -20.96
N PRO B 25 9.02 8.88 -21.91
CA PRO B 25 10.31 8.20 -21.88
C PRO B 25 11.45 9.17 -22.13
N PHE B 26 12.52 9.02 -21.35
CA PHE B 26 13.74 9.75 -21.66
C PHE B 26 14.23 9.33 -23.05
N LEU B 27 14.69 10.31 -23.81
CA LEU B 27 15.33 10.11 -25.11
C LEU B 27 16.54 11.03 -25.19
N CYS B 28 17.67 10.52 -25.68
CA CYS B 28 18.84 11.38 -25.78
C CYS B 28 18.67 12.34 -26.96
N CYS B 29 19.62 13.27 -27.05
CA CYS B 29 19.60 14.29 -28.11
C CYS B 29 19.41 13.67 -29.48
N LYS B 30 20.06 12.52 -29.72
CA LYS B 30 19.98 11.86 -31.01
C LYS B 30 18.66 11.13 -31.20
N CYS B 31 18.28 10.30 -30.23
CA CYS B 31 17.05 9.52 -30.38
C CYS B 31 15.82 10.42 -30.33
N CYS B 32 15.89 11.49 -29.53
CA CYS B 32 14.76 12.42 -29.43
C CYS B 32 14.53 13.11 -30.76
N TYR B 33 15.62 13.51 -31.42
CA TYR B 33 15.51 14.10 -32.75
C TYR B 33 14.88 13.11 -33.73
N ASP B 34 15.39 11.89 -33.76
CA ASP B 34 14.84 10.90 -34.67
C ASP B 34 13.36 10.63 -34.41
N HIS B 35 12.92 10.69 -33.15
CA HIS B 35 11.51 10.43 -32.83
C HIS B 35 10.63 11.59 -33.31
N VAL B 36 10.99 12.83 -32.97
CA VAL B 36 10.11 13.95 -33.24
C VAL B 36 9.98 14.23 -34.73
N ILE B 37 11.04 13.95 -35.51
CA ILE B 37 10.99 14.27 -36.93
C ILE B 37 10.26 13.21 -37.74
N SER B 38 10.03 12.01 -37.19
CA SER B 38 9.41 10.95 -37.95
C SER B 38 8.00 10.62 -37.48
N THR B 39 7.51 11.25 -36.43
CA THR B 39 6.15 11.01 -35.94
C THR B 39 5.48 12.35 -35.68
N SER B 40 4.23 12.28 -35.21
CA SER B 40 3.51 13.48 -34.82
C SER B 40 3.88 13.96 -33.42
N HIS B 41 4.76 13.27 -32.72
CA HIS B 41 5.16 13.71 -31.39
C HIS B 41 6.18 14.85 -31.50
N LYS B 42 5.85 16.02 -30.97
CA LYS B 42 6.72 17.17 -31.10
C LYS B 42 7.04 17.86 -29.79
N LEU B 43 6.38 17.50 -28.70
CA LEU B 43 6.60 18.15 -27.42
C LEU B 43 7.77 17.48 -26.72
N VAL B 44 8.80 18.26 -26.40
CA VAL B 44 9.97 17.75 -25.70
C VAL B 44 10.04 18.36 -24.31
N LEU B 45 10.30 17.53 -23.32
CA LEU B 45 10.34 17.95 -21.92
C LEU B 45 11.78 17.93 -21.42
N SER B 46 12.17 18.97 -20.71
CA SER B 46 13.46 18.99 -20.03
C SER B 46 13.18 19.39 -18.59
N VAL B 47 14.17 19.98 -17.91
CA VAL B 47 13.89 20.60 -16.61
C VAL B 47 12.64 21.45 -16.70
N ASN B 48 12.58 22.30 -17.71
CA ASN B 48 11.36 23.00 -18.10
C ASN B 48 10.86 22.49 -19.46
N PRO B 49 9.58 22.66 -19.75
CA PRO B 49 9.06 22.22 -21.05
C PRO B 49 9.60 23.08 -22.18
N TYR B 50 9.97 22.43 -23.28
CA TYR B 50 10.38 23.13 -24.50
C TYR B 50 9.12 23.68 -25.18
N VAL B 51 8.66 24.82 -24.66
CA VAL B 51 7.52 25.53 -25.20
C VAL B 51 7.87 27.02 -25.24
N CYS B 52 7.17 27.75 -26.09
CA CYS B 52 7.44 29.18 -26.21
C CYS B 52 7.08 29.87 -24.90
N ASN B 53 8.08 30.44 -24.23
CA ASN B 53 7.90 31.07 -22.93
C ASN B 53 7.41 32.50 -23.05
N ALA B 54 6.84 32.88 -24.21
CA ALA B 54 6.33 34.21 -24.50
C ALA B 54 4.87 34.32 -24.11
N PRO B 55 4.48 35.38 -23.42
CA PRO B 55 3.10 35.47 -22.89
C PRO B 55 2.06 35.43 -24.00
N GLY B 56 1.17 34.43 -23.93
CA GLY B 56 0.10 34.27 -24.88
C GLY B 56 0.36 33.28 -26.00
N CYS B 57 1.61 32.85 -26.16
CA CYS B 57 1.91 31.97 -27.29
C CYS B 57 1.62 30.51 -26.93
N ASP B 58 1.43 29.70 -27.96
CA ASP B 58 1.03 28.31 -27.79
C ASP B 58 1.93 27.35 -28.55
N VAL B 59 3.07 27.80 -29.06
CA VAL B 59 3.93 26.90 -29.83
C VAL B 59 4.62 25.94 -28.87
N THR B 60 4.44 24.65 -29.12
CA THR B 60 5.04 23.59 -28.33
C THR B 60 5.88 22.63 -29.17
N ASP B 61 5.91 22.83 -30.49
CA ASP B 61 6.66 21.99 -31.41
C ASP B 61 8.14 22.32 -31.34
N VAL B 62 8.95 21.34 -30.95
CA VAL B 62 10.38 21.54 -30.69
C VAL B 62 11.12 21.98 -31.95
N THR B 63 10.65 21.55 -33.13
CA THR B 63 11.28 21.92 -34.38
C THR B 63 11.02 23.37 -34.76
N GLN B 64 10.05 24.03 -34.13
CA GLN B 64 9.78 25.45 -34.37
C GLN B 64 10.28 26.31 -33.21
N LEU B 65 11.16 25.78 -32.37
CA LEU B 65 11.52 26.46 -31.14
C LEU B 65 13.01 26.73 -31.07
N TYR B 66 13.34 27.82 -30.37
CA TYR B 66 14.69 28.34 -30.26
C TYR B 66 14.95 28.65 -28.80
N LEU B 67 16.23 28.56 -28.41
CA LEU B 67 16.65 28.99 -27.09
C LEU B 67 17.17 30.41 -27.21
N GLY B 68 16.47 31.33 -26.55
CA GLY B 68 16.92 32.72 -26.44
C GLY B 68 17.19 33.06 -24.99
N GLY B 69 18.43 33.44 -24.68
CA GLY B 69 18.83 33.65 -23.31
C GLY B 69 18.75 32.36 -22.52
N MET B 70 17.76 32.28 -21.62
CA MET B 70 17.49 31.06 -20.87
C MET B 70 16.03 30.66 -20.99
N SER B 71 15.35 31.15 -22.02
CA SER B 71 13.94 30.86 -22.26
C SER B 71 13.78 30.43 -23.71
N TYR B 72 12.75 29.62 -23.95
CA TYR B 72 12.50 29.07 -25.27
C TYR B 72 11.46 29.91 -25.98
N TYR B 73 11.65 30.10 -27.29
CA TYR B 73 10.74 30.93 -28.07
C TYR B 73 10.55 30.35 -29.44
N CYS B 74 9.39 30.65 -30.03
CA CYS B 74 9.13 30.25 -31.41
C CYS B 74 9.79 31.25 -32.35
N LYS B 75 9.57 31.05 -33.65
CA LYS B 75 10.19 31.91 -34.65
C LYS B 75 9.70 33.34 -34.51
N SER B 76 8.43 33.53 -34.17
CA SER B 76 7.83 34.85 -34.12
C SER B 76 8.19 35.63 -32.86
N HIS B 77 8.72 34.98 -31.84
CA HIS B 77 8.97 35.64 -30.57
C HIS B 77 10.41 35.57 -30.11
N LYS B 78 11.30 34.96 -30.88
CA LYS B 78 12.67 34.77 -30.41
C LYS B 78 13.43 36.09 -30.43
N PRO B 79 14.37 36.27 -29.51
CA PRO B 79 15.21 37.47 -29.52
C PRO B 79 16.14 37.45 -30.73
N PRO B 80 16.84 38.55 -31.00
CA PRO B 80 17.77 38.53 -32.14
C PRO B 80 18.85 37.47 -32.04
N ILE B 81 19.32 37.19 -30.82
CA ILE B 81 20.31 36.15 -30.59
C ILE B 81 19.58 34.90 -30.10
N SER B 82 19.58 33.86 -30.93
CA SER B 82 18.87 32.63 -30.61
C SER B 82 19.59 31.48 -31.29
N PHE B 83 19.22 30.26 -30.91
CA PHE B 83 19.74 29.07 -31.56
C PHE B 83 18.70 27.97 -31.55
N PRO B 84 18.54 27.25 -32.66
CA PRO B 84 17.47 26.24 -32.75
C PRO B 84 17.68 25.11 -31.76
N LEU B 85 16.60 24.73 -31.08
CA LEU B 85 16.66 23.58 -30.19
C LEU B 85 16.82 22.27 -30.96
N CYS B 86 16.39 22.23 -32.22
CA CYS B 86 16.25 21.00 -32.97
C CYS B 86 16.92 21.18 -34.33
N ALA B 87 18.20 20.78 -34.43
CA ALA B 87 18.96 20.90 -35.68
C ALA B 87 20.18 20.00 -35.59
N ASN B 88 20.83 19.78 -36.74
CA ASN B 88 22.00 18.92 -36.88
C ASN B 88 21.72 17.47 -36.48
N GLY B 89 20.47 17.03 -36.55
CA GLY B 89 20.15 15.68 -36.15
C GLY B 89 20.12 15.46 -34.65
N GLN B 90 20.04 16.53 -33.86
CA GLN B 90 19.98 16.44 -32.41
C GLN B 90 19.00 17.48 -31.88
N VAL B 91 18.29 17.12 -30.82
CA VAL B 91 17.55 18.08 -30.02
C VAL B 91 18.45 18.55 -28.90
N PHE B 92 18.40 19.84 -28.60
CA PHE B 92 19.29 20.43 -27.62
C PHE B 92 18.99 19.93 -26.21
N GLY B 93 20.04 19.50 -25.52
CA GLY B 93 19.90 18.96 -24.16
C GLY B 93 21.27 18.69 -23.58
N LEU B 94 21.28 18.07 -22.39
CA LEU B 94 22.55 17.75 -21.78
C LEU B 94 23.16 16.51 -22.41
N TYR B 95 24.46 16.31 -22.13
CA TYR B 95 25.20 15.15 -22.60
C TYR B 95 25.16 14.98 -24.12
N LYS B 96 25.13 16.10 -24.85
CA LYS B 96 25.07 16.04 -26.31
C LYS B 96 26.24 15.27 -26.90
N ASN B 97 27.39 15.27 -26.23
CA ASN B 97 28.57 14.60 -26.77
C ASN B 97 28.52 13.09 -26.63
N THR B 98 27.81 12.59 -25.61
CA THR B 98 27.64 11.15 -25.40
C THR B 98 26.24 10.71 -25.81
N CYS B 99 25.99 10.73 -27.12
CA CYS B 99 24.74 10.26 -27.69
C CYS B 99 25.09 9.18 -28.70
N VAL B 100 24.92 7.92 -28.32
CA VAL B 100 25.19 6.83 -29.24
C VAL B 100 24.20 6.85 -30.40
N GLY B 101 22.91 6.97 -30.09
CA GLY B 101 21.88 6.81 -31.08
C GLY B 101 21.47 5.35 -31.23
N SER B 102 20.40 5.14 -31.98
CA SER B 102 19.85 3.80 -32.13
C SER B 102 19.70 3.48 -33.61
N ASP B 103 19.35 2.21 -33.88
CA ASP B 103 19.02 1.77 -35.22
C ASP B 103 17.55 1.38 -35.36
N ASN B 104 16.85 1.10 -34.26
CA ASN B 104 15.47 0.66 -34.33
C ASN B 104 14.55 1.72 -33.75
N VAL B 105 14.66 2.94 -34.25
CA VAL B 105 13.73 3.99 -33.87
C VAL B 105 12.36 3.71 -34.49
N THR B 106 12.32 2.87 -35.53
CA THR B 106 11.06 2.49 -36.14
C THR B 106 10.22 1.62 -35.20
N ASP B 107 10.85 0.66 -34.52
CA ASP B 107 10.08 -0.11 -33.53
C ASP B 107 9.63 0.77 -32.38
N PHE B 108 10.50 1.69 -31.93
CA PHE B 108 10.11 2.60 -30.86
C PHE B 108 8.92 3.46 -31.28
N ASN B 109 8.98 4.01 -32.50
CA ASN B 109 7.88 4.85 -32.99
C ASN B 109 6.56 4.08 -33.04
N ALA B 110 6.60 2.83 -33.50
CA ALA B 110 5.37 2.05 -33.58
C ALA B 110 4.79 1.77 -32.20
N ILE B 111 5.65 1.42 -31.23
CA ILE B 111 5.16 1.17 -29.88
C ILE B 111 4.60 2.45 -29.28
N ALA B 112 5.24 3.58 -29.55
CA ALA B 112 4.86 4.84 -28.92
C ALA B 112 3.57 5.42 -29.48
N THR B 113 3.17 5.03 -30.69
CA THR B 113 2.02 5.63 -31.37
C THR B 113 0.86 4.67 -31.65
N CYS B 114 1.01 3.37 -31.40
CA CYS B 114 -0.08 2.47 -31.70
C CYS B 114 -1.16 2.56 -30.62
N ASP B 115 -2.37 2.10 -30.96
CA ASP B 115 -3.49 2.13 -30.02
C ASP B 115 -3.77 0.78 -29.36
N TRP B 116 -2.97 -0.25 -29.63
CA TRP B 116 -3.06 -1.54 -28.97
C TRP B 116 -4.37 -2.26 -29.26
N THR B 117 -5.02 -1.95 -30.38
CA THR B 117 -6.26 -2.63 -30.74
C THR B 117 -6.04 -3.78 -31.72
N ASN B 118 -4.85 -3.89 -32.31
CA ASN B 118 -4.54 -4.92 -33.29
C ASN B 118 -3.52 -5.90 -32.70
N ALA B 119 -3.62 -7.16 -33.15
CA ALA B 119 -2.73 -8.20 -32.62
C ALA B 119 -1.28 -7.90 -32.95
N GLY B 120 -1.02 -7.24 -34.08
CA GLY B 120 0.36 -6.91 -34.44
C GLY B 120 1.07 -6.03 -33.42
N ASP B 121 0.33 -5.20 -32.69
CA ASP B 121 0.97 -4.35 -31.68
C ASP B 121 1.59 -5.20 -30.58
N TYR B 122 0.93 -6.31 -30.23
CA TYR B 122 1.41 -7.19 -29.19
C TYR B 122 2.54 -8.07 -29.67
N ILE B 123 2.50 -8.47 -30.94
CA ILE B 123 3.60 -9.23 -31.54
C ILE B 123 4.88 -8.42 -31.47
N LEU B 124 4.82 -7.16 -31.88
CA LEU B 124 5.99 -6.29 -31.87
C LEU B 124 6.50 -6.09 -30.44
N ALA B 125 5.58 -5.97 -29.49
CA ALA B 125 5.94 -5.80 -28.09
C ALA B 125 6.63 -7.03 -27.51
N ASN B 126 6.58 -8.17 -28.19
CA ASN B 126 7.27 -9.35 -27.72
C ASN B 126 8.42 -9.79 -28.62
N THR B 127 8.69 -9.06 -29.71
CA THR B 127 9.80 -9.38 -30.61
C THR B 127 10.86 -8.30 -30.67
N CYS B 128 10.67 -7.17 -29.99
CA CYS B 128 11.63 -6.07 -30.01
C CYS B 128 12.76 -6.34 -29.01
N THR B 129 13.69 -5.39 -28.90
CA THR B 129 14.75 -5.51 -27.92
C THR B 129 14.20 -5.44 -26.51
N GLU B 130 14.99 -5.94 -25.56
CA GLU B 130 14.50 -6.07 -24.18
C GLU B 130 14.05 -4.74 -23.62
N ARG B 131 14.85 -3.67 -23.83
CA ARG B 131 14.45 -2.37 -23.29
C ARG B 131 13.17 -1.85 -23.94
N LEU B 132 12.92 -2.19 -25.21
CA LEU B 132 11.65 -1.82 -25.80
C LEU B 132 10.51 -2.73 -25.35
N LYS B 133 10.79 -3.96 -24.92
CA LYS B 133 9.72 -4.78 -24.31
C LYS B 133 9.17 -4.09 -23.07
N LEU B 134 10.06 -3.54 -22.24
CA LEU B 134 9.61 -2.84 -21.04
C LEU B 134 8.84 -1.58 -21.39
N PHE B 135 9.36 -0.77 -22.32
CA PHE B 135 8.63 0.42 -22.73
C PHE B 135 7.27 0.04 -23.27
N ALA B 136 7.20 -1.02 -24.07
CA ALA B 136 5.91 -1.47 -24.57
C ALA B 136 4.99 -1.89 -23.43
N ALA B 137 5.49 -2.69 -22.48
CA ALA B 137 4.65 -3.15 -21.37
C ALA B 137 4.07 -1.99 -20.58
N GLU B 138 4.90 -0.97 -20.31
CA GLU B 138 4.43 0.21 -19.61
C GLU B 138 3.41 0.97 -20.44
N THR B 139 3.75 1.26 -21.70
CA THR B 139 2.88 2.05 -22.55
C THR B 139 1.51 1.39 -22.68
N LEU B 140 1.49 0.06 -22.85
CA LEU B 140 0.24 -0.67 -22.97
C LEU B 140 -0.57 -0.60 -21.68
N LYS B 141 0.07 -0.85 -20.54
CA LYS B 141 -0.67 -0.84 -19.28
C LYS B 141 -1.23 0.54 -18.98
N ALA B 142 -0.46 1.59 -19.29
CA ALA B 142 -0.99 2.94 -19.10
C ALA B 142 -2.15 3.20 -20.02
N THR B 143 -2.06 2.74 -21.27
CA THR B 143 -3.16 2.90 -22.21
C THR B 143 -4.40 2.16 -21.71
N GLU B 144 -4.24 0.91 -21.27
CA GLU B 144 -5.38 0.16 -20.75
C GLU B 144 -6.05 0.91 -19.62
N GLU B 145 -5.25 1.42 -18.68
CA GLU B 145 -5.78 2.15 -17.54
C GLU B 145 -6.46 3.44 -17.96
N THR B 146 -5.84 4.19 -18.87
CA THR B 146 -6.44 5.45 -19.32
C THR B 146 -7.76 5.17 -20.02
N PHE B 147 -7.82 4.07 -20.75
CA PHE B 147 -9.03 3.73 -21.49
C PHE B 147 -10.21 3.42 -20.56
N LYS B 148 -9.93 2.91 -19.36
CA LYS B 148 -11.01 2.70 -18.41
C LYS B 148 -11.75 3.99 -18.10
N LEU B 149 -11.07 5.13 -18.18
CA LEU B 149 -11.65 6.44 -17.88
C LEU B 149 -12.62 6.92 -18.95
N SER B 150 -12.63 6.30 -20.13
CA SER B 150 -13.56 6.74 -21.14
C SER B 150 -14.99 6.28 -20.88
N TYR B 151 -15.16 5.29 -20.00
CA TYR B 151 -16.48 4.75 -19.73
C TYR B 151 -17.27 5.63 -18.78
N GLY B 152 -18.59 5.61 -18.93
CA GLY B 152 -19.45 6.41 -18.10
C GLY B 152 -19.67 5.80 -16.72
N ILE B 153 -20.03 6.67 -15.78
CA ILE B 153 -20.42 6.23 -14.44
C ILE B 153 -21.76 5.51 -14.53
N ALA B 154 -21.91 4.44 -13.74
CA ALA B 154 -23.20 3.82 -13.51
C ALA B 154 -23.68 4.19 -12.11
N THR B 155 -24.97 4.49 -11.99
CA THR B 155 -25.52 4.95 -10.72
C THR B 155 -26.73 4.11 -10.35
N VAL B 156 -26.82 3.73 -9.07
CA VAL B 156 -27.96 2.96 -8.59
C VAL B 156 -29.21 3.81 -8.71
N ARG B 157 -30.10 3.40 -9.60
CA ARG B 157 -31.37 4.10 -9.75
C ARG B 157 -32.42 3.54 -8.80
N GLU B 158 -32.39 2.22 -8.60
CA GLU B 158 -33.35 1.55 -7.73
C GLU B 158 -32.75 0.20 -7.34
N VAL B 159 -32.89 -0.17 -6.07
CA VAL B 159 -32.50 -1.50 -5.59
C VAL B 159 -33.73 -2.39 -5.71
N LEU B 160 -33.86 -3.08 -6.85
CA LEU B 160 -35.06 -3.89 -7.08
C LEU B 160 -35.20 -4.96 -6.01
N SER B 161 -34.11 -5.66 -5.71
CA SER B 161 -34.09 -6.65 -4.64
C SER B 161 -32.64 -6.94 -4.30
N ASP B 162 -32.44 -8.02 -3.56
CA ASP B 162 -31.10 -8.51 -3.29
C ASP B 162 -30.50 -9.00 -4.61
N ARG B 163 -29.21 -8.75 -4.80
CA ARG B 163 -28.48 -9.18 -5.99
C ARG B 163 -29.04 -8.62 -7.30
N GLU B 164 -29.97 -7.67 -7.25
CA GLU B 164 -30.51 -7.06 -8.46
C GLU B 164 -30.58 -5.56 -8.33
N LEU B 165 -30.22 -4.85 -9.40
CA LEU B 165 -30.13 -3.40 -9.39
C LEU B 165 -30.68 -2.83 -10.68
N HIS B 166 -31.19 -1.62 -10.59
CA HIS B 166 -31.54 -0.81 -11.75
C HIS B 166 -30.55 0.33 -11.82
N LEU B 167 -29.87 0.48 -12.96
CA LEU B 167 -28.75 1.39 -13.08
C LEU B 167 -29.09 2.48 -14.09
N SER B 168 -28.57 3.67 -13.85
CA SER B 168 -28.62 4.76 -14.82
C SER B 168 -27.20 5.11 -15.21
N TRP B 169 -26.98 5.38 -16.49
CA TRP B 169 -25.64 5.50 -17.05
C TRP B 169 -25.37 6.94 -17.48
N GLU B 170 -24.13 7.37 -17.30
CA GLU B 170 -23.73 8.72 -17.66
C GLU B 170 -23.96 8.98 -19.14
N VAL B 171 -24.43 10.18 -19.47
CA VAL B 171 -24.69 10.52 -20.86
C VAL B 171 -23.39 10.90 -21.55
N GLY B 172 -23.29 10.59 -22.85
CA GLY B 172 -22.16 11.02 -23.64
C GLY B 172 -20.90 10.19 -23.50
N LYS B 173 -20.94 9.10 -22.75
CA LYS B 173 -19.81 8.18 -22.65
C LYS B 173 -20.31 6.75 -22.79
N PRO B 174 -19.52 5.87 -23.39
CA PRO B 174 -19.99 4.48 -23.56
C PRO B 174 -19.98 3.72 -22.24
N ARG B 175 -20.69 2.59 -22.24
CA ARG B 175 -20.82 1.69 -21.12
C ARG B 175 -19.91 0.49 -21.29
N PRO B 176 -19.23 0.06 -20.23
CA PRO B 176 -18.37 -1.12 -20.33
C PRO B 176 -19.21 -2.37 -20.55
N PRO B 177 -18.62 -3.43 -21.10
CA PRO B 177 -19.34 -4.70 -21.13
C PRO B 177 -19.61 -5.15 -19.71
N LEU B 178 -20.75 -5.79 -19.51
CA LEU B 178 -21.12 -6.31 -18.20
C LEU B 178 -20.70 -7.78 -18.15
N ASN B 179 -19.42 -8.00 -17.84
CA ASN B 179 -18.88 -9.34 -17.63
C ASN B 179 -17.83 -9.29 -16.53
N ARG B 180 -17.20 -10.43 -16.28
CA ARG B 180 -16.29 -10.57 -15.13
C ARG B 180 -14.97 -9.86 -15.34
N ASN B 181 -14.57 -9.59 -16.59
CA ASN B 181 -13.35 -8.85 -16.86
C ASN B 181 -13.43 -7.38 -16.48
N TYR B 182 -14.62 -6.86 -16.16
CA TYR B 182 -14.78 -5.45 -15.83
C TYR B 182 -15.23 -5.34 -14.38
N VAL B 183 -14.27 -5.04 -13.50
CA VAL B 183 -14.50 -4.96 -12.07
C VAL B 183 -14.66 -3.49 -11.68
N PHE B 184 -15.83 -3.13 -11.16
CA PHE B 184 -16.16 -1.77 -10.77
C PHE B 184 -15.92 -1.57 -9.27
N THR B 185 -15.61 -0.33 -8.91
CA THR B 185 -15.55 0.09 -7.51
C THR B 185 -16.79 0.93 -7.23
N GLY B 186 -17.48 0.61 -6.14
CA GLY B 186 -18.69 1.33 -5.75
C GLY B 186 -18.37 2.39 -4.71
N TYR B 187 -19.09 3.51 -4.80
CA TYR B 187 -18.89 4.63 -3.88
C TYR B 187 -20.23 5.16 -3.40
N ARG B 188 -20.24 5.63 -2.15
CA ARG B 188 -21.39 6.31 -1.56
C ARG B 188 -21.06 7.79 -1.41
N VAL B 189 -21.99 8.64 -1.84
CA VAL B 189 -21.81 10.09 -1.79
C VAL B 189 -22.00 10.56 -0.36
N THR B 190 -21.02 11.27 0.18
CA THR B 190 -21.09 11.81 1.52
C THR B 190 -21.41 13.31 1.48
N LYS B 191 -21.30 13.96 2.64
CA LYS B 191 -21.66 15.37 2.77
C LYS B 191 -20.84 16.25 1.84
N ASN B 192 -19.62 15.85 1.52
CA ASN B 192 -18.76 16.68 0.67
C ASN B 192 -17.85 15.87 -0.25
N SER B 193 -17.96 14.54 -0.27
CA SER B 193 -17.02 13.68 -0.98
C SER B 193 -17.65 12.30 -1.10
N LYS B 194 -16.85 11.34 -1.56
CA LYS B 194 -17.25 9.96 -1.77
C LYS B 194 -16.42 9.04 -0.88
N VAL B 195 -17.01 7.91 -0.49
CA VAL B 195 -16.31 6.86 0.26
C VAL B 195 -16.43 5.55 -0.50
N GLN B 196 -15.31 4.84 -0.64
CA GLN B 196 -15.29 3.52 -1.27
C GLN B 196 -16.23 2.56 -0.55
N ILE B 197 -17.00 1.80 -1.34
CA ILE B 197 -18.02 0.92 -0.81
C ILE B 197 -17.73 -0.56 -1.07
N GLY B 198 -16.81 -0.88 -1.96
CA GLY B 198 -16.51 -2.26 -2.30
C GLY B 198 -16.26 -2.40 -3.80
N GLU B 199 -15.94 -3.61 -4.24
CA GLU B 199 -15.73 -3.91 -5.65
C GLU B 199 -16.86 -4.79 -6.17
N TYR B 200 -17.22 -4.61 -7.44
CA TYR B 200 -18.40 -5.24 -8.00
C TYR B 200 -18.16 -5.64 -9.44
N THR B 201 -18.83 -6.73 -9.84
CA THR B 201 -18.98 -7.10 -11.24
C THR B 201 -20.47 -7.27 -11.53
N PHE B 202 -20.87 -6.91 -12.75
CA PHE B 202 -22.28 -6.88 -13.11
C PHE B 202 -22.54 -7.77 -14.32
N GLU B 203 -23.82 -8.13 -14.49
CA GLU B 203 -24.28 -8.90 -15.63
C GLU B 203 -25.75 -8.55 -15.86
N LYS B 204 -26.16 -8.57 -17.13
CA LYS B 204 -27.53 -8.23 -17.47
C LYS B 204 -28.50 -9.14 -16.73
N GLY B 205 -29.59 -8.56 -16.24
CA GLY B 205 -30.59 -9.34 -15.51
C GLY B 205 -31.62 -10.02 -16.39
N ALA B 210 -31.87 -3.31 -15.49
CA ALA B 210 -32.02 -4.41 -14.56
C ALA B 210 -30.80 -5.33 -14.63
N VAL B 211 -29.86 -5.14 -13.70
CA VAL B 211 -28.59 -5.85 -13.69
C VAL B 211 -28.50 -6.75 -12.47
N VAL B 212 -27.68 -7.80 -12.60
CA VAL B 212 -27.32 -8.68 -11.50
C VAL B 212 -25.90 -8.33 -11.08
N TYR B 213 -25.67 -8.18 -9.77
CA TYR B 213 -24.35 -7.80 -9.29
C TYR B 213 -23.81 -8.83 -8.30
N ARG B 214 -22.49 -9.01 -8.35
CA ARG B 214 -21.74 -9.79 -7.37
C ARG B 214 -20.71 -8.88 -6.72
N GLY B 215 -20.79 -8.72 -5.40
CA GLY B 215 -19.98 -7.75 -4.69
C GLY B 215 -18.89 -8.36 -3.82
N THR B 216 -17.79 -7.63 -3.68
CA THR B 216 -16.70 -8.01 -2.79
C THR B 216 -17.11 -7.94 -1.32
N THR B 217 -18.32 -7.45 -1.03
CA THR B 217 -18.81 -7.33 0.33
C THR B 217 -20.33 -7.24 0.29
N THR B 218 -20.97 -7.83 1.28
CA THR B 218 -22.42 -7.68 1.48
C THR B 218 -22.65 -6.38 2.24
N TYR B 219 -22.79 -5.30 1.49
CA TYR B 219 -23.01 -3.98 2.04
C TYR B 219 -24.29 -3.46 1.41
N LYS B 220 -25.23 -3.02 2.25
CA LYS B 220 -26.53 -2.58 1.77
C LYS B 220 -26.33 -1.33 0.90
N LEU B 221 -26.36 -1.51 -0.41
CA LEU B 221 -26.25 -0.37 -1.30
C LEU B 221 -27.64 0.14 -1.67
N ASN B 222 -27.71 1.41 -2.03
CA ASN B 222 -29.01 2.05 -2.28
C ASN B 222 -28.84 3.11 -3.36
N VAL B 223 -29.91 3.86 -3.59
CA VAL B 223 -29.94 4.85 -4.67
C VAL B 223 -28.88 5.91 -4.43
N GLY B 224 -28.22 6.33 -5.52
CA GLY B 224 -27.20 7.33 -5.45
C GLY B 224 -25.81 6.74 -5.43
N ASP B 225 -25.66 5.52 -4.93
CA ASP B 225 -24.39 4.82 -5.03
C ASP B 225 -24.04 4.67 -6.49
N TYR B 226 -22.75 4.80 -6.80
CA TYR B 226 -22.33 4.76 -8.18
C TYR B 226 -21.08 3.89 -8.32
N PHE B 227 -20.85 3.44 -9.55
CA PHE B 227 -19.79 2.47 -9.85
C PHE B 227 -18.92 2.98 -10.98
N VAL B 228 -17.61 2.77 -10.85
CA VAL B 228 -16.61 3.17 -11.83
C VAL B 228 -15.53 2.10 -11.88
N LEU B 229 -15.07 1.79 -13.08
CA LEU B 229 -13.95 0.88 -13.22
C LEU B 229 -12.72 1.52 -12.58
N THR B 230 -12.05 0.80 -11.69
CA THR B 230 -10.94 1.39 -10.96
C THR B 230 -9.68 1.42 -11.82
N SER B 231 -8.95 2.54 -11.75
CA SER B 231 -7.72 2.76 -12.51
C SER B 231 -6.58 3.01 -11.55
N HIS B 232 -5.39 2.49 -11.89
CA HIS B 232 -4.22 2.55 -11.01
C HIS B 232 -3.06 3.24 -11.72
N THR B 233 -2.19 3.87 -10.93
CA THR B 233 -0.97 4.45 -11.49
C THR B 233 -0.02 3.33 -11.90
N VAL B 234 0.58 3.48 -13.08
CA VAL B 234 1.49 2.48 -13.65
C VAL B 234 2.92 2.94 -13.38
N MET B 235 3.69 2.11 -12.69
CA MET B 235 5.06 2.45 -12.29
C MET B 235 6.05 2.15 -13.42
N PRO B 236 7.17 2.87 -13.46
CA PRO B 236 8.21 2.56 -14.47
C PRO B 236 8.79 1.18 -14.21
N LEU B 237 9.24 0.53 -15.29
CA LEU B 237 9.92 -0.75 -15.16
C LEU B 237 11.43 -0.56 -15.30
N SER B 238 12.19 -1.45 -14.69
CA SER B 238 13.64 -1.37 -14.78
C SER B 238 14.31 -2.69 -15.14
N ALA B 239 13.77 -3.85 -14.61
CA ALA B 239 14.37 -5.17 -14.80
C ALA B 239 13.86 -5.82 -16.09
N PRO B 240 14.67 -6.68 -16.70
CA PRO B 240 14.24 -7.38 -17.92
C PRO B 240 13.13 -8.38 -17.65
N THR B 241 12.47 -8.82 -18.73
CA THR B 241 11.41 -9.81 -18.55
C THR B 241 12.00 -11.17 -18.13
N LEU B 242 13.25 -11.44 -18.50
CA LEU B 242 13.99 -12.63 -18.06
C LEU B 242 15.42 -12.19 -17.79
N VAL B 243 16.01 -12.71 -16.71
CA VAL B 243 17.43 -12.49 -16.43
C VAL B 243 18.23 -13.22 -17.49
N PRO B 244 19.52 -12.91 -17.70
CA PRO B 244 20.31 -13.71 -18.65
C PRO B 244 20.38 -15.16 -18.18
N GLN B 245 20.17 -16.08 -19.12
CA GLN B 245 20.24 -17.49 -18.81
C GLN B 245 21.68 -17.93 -18.50
N GLU B 246 21.82 -18.91 -17.61
CA GLU B 246 23.09 -19.55 -17.34
C GLU B 246 22.86 -21.04 -17.11
N HIS B 247 23.72 -21.87 -17.68
CA HIS B 247 23.69 -23.30 -17.43
C HIS B 247 24.89 -23.69 -16.58
N TYR B 248 24.72 -24.66 -15.69
CA TYR B 248 25.77 -25.10 -14.80
C TYR B 248 26.01 -26.58 -15.03
N VAL B 249 27.21 -27.03 -14.64
CA VAL B 249 27.55 -28.45 -14.76
C VAL B 249 27.22 -29.21 -13.50
N ARG B 250 26.62 -28.56 -12.51
CA ARG B 250 26.21 -29.23 -11.28
C ARG B 250 25.10 -28.40 -10.66
N ILE B 251 24.38 -29.03 -9.73
CA ILE B 251 23.38 -28.29 -8.97
C ILE B 251 24.09 -27.19 -8.21
N THR B 252 23.66 -25.96 -8.43
CA THR B 252 24.36 -24.81 -7.88
C THR B 252 23.46 -24.11 -6.86
N GLY B 253 24.01 -23.86 -5.67
CA GLY B 253 23.30 -23.13 -4.64
C GLY B 253 22.23 -23.90 -3.87
N LEU B 254 21.98 -25.17 -4.21
CA LEU B 254 20.92 -25.96 -3.61
C LEU B 254 21.50 -27.29 -3.17
N TYR B 255 20.86 -27.91 -2.17
CA TYR B 255 21.40 -29.11 -1.53
C TYR B 255 20.32 -30.18 -1.50
N PRO B 256 20.41 -31.18 -2.38
CA PRO B 256 19.30 -32.13 -2.54
C PRO B 256 19.13 -32.97 -1.31
N THR B 257 17.87 -33.31 -1.01
CA THR B 257 17.62 -34.22 0.09
C THR B 257 18.11 -35.61 -0.31
N LEU B 258 18.42 -36.41 0.70
CA LEU B 258 18.84 -37.76 0.39
C LEU B 258 17.65 -38.71 0.30
N ASN B 259 16.60 -38.43 1.05
CA ASN B 259 15.41 -39.25 1.17
C ASN B 259 14.17 -38.43 0.80
N ILE B 260 13.34 -38.94 -0.10
CA ILE B 260 12.10 -38.25 -0.47
C ILE B 260 10.94 -39.23 -0.63
N SER B 261 9.73 -38.74 -0.38
CA SER B 261 8.53 -39.56 -0.57
C SER B 261 8.40 -40.00 -2.01
N ASP B 262 7.79 -41.15 -2.23
CA ASP B 262 7.53 -41.62 -3.59
C ASP B 262 6.39 -40.87 -4.25
N GLU B 263 5.73 -39.94 -3.55
CA GLU B 263 4.76 -39.08 -4.21
C GLU B 263 5.44 -38.07 -5.11
N PHE B 264 6.76 -37.92 -5.01
CA PHE B 264 7.48 -36.90 -5.75
C PHE B 264 8.63 -37.46 -6.58
N SER B 265 8.82 -38.78 -6.57
CA SER B 265 9.95 -39.39 -7.26
C SER B 265 9.91 -39.14 -8.76
N SER B 266 8.71 -39.04 -9.35
CA SER B 266 8.64 -38.81 -10.79
C SER B 266 9.22 -37.45 -11.18
N ASN B 267 9.40 -36.54 -10.23
CA ASN B 267 9.89 -35.20 -10.53
C ASN B 267 11.35 -35.02 -10.17
N VAL B 268 12.04 -36.07 -9.69
CA VAL B 268 13.40 -35.88 -9.17
C VAL B 268 14.35 -35.38 -10.26
N ALA B 269 14.30 -35.98 -11.45
CA ALA B 269 15.14 -35.49 -12.55
C ALA B 269 14.81 -34.05 -12.92
N ASN B 270 13.52 -33.69 -12.94
CA ASN B 270 13.12 -32.31 -13.20
C ASN B 270 13.68 -31.36 -12.14
N TYR B 271 13.63 -31.79 -10.87
CA TYR B 271 14.12 -30.96 -9.77
C TYR B 271 15.63 -30.74 -9.85
N GLN B 272 16.37 -31.75 -10.31
CA GLN B 272 17.81 -31.56 -10.49
C GLN B 272 18.10 -30.62 -11.64
N LYS B 273 17.28 -30.69 -12.70
CA LYS B 273 17.43 -29.75 -13.80
C LYS B 273 17.21 -28.32 -13.33
N VAL B 274 16.28 -28.11 -12.38
CA VAL B 274 16.03 -26.77 -11.86
C VAL B 274 17.30 -26.20 -11.23
N GLY B 275 18.08 -27.05 -10.57
CA GLY B 275 19.29 -26.55 -9.91
C GLY B 275 20.49 -26.36 -10.81
N MET B 276 20.37 -26.76 -12.07
CA MET B 276 21.50 -26.71 -12.99
C MET B 276 21.38 -25.62 -14.04
N GLN B 277 20.46 -24.69 -13.85
CA GLN B 277 20.36 -23.55 -14.75
C GLN B 277 19.64 -22.42 -14.02
N LYS B 278 19.92 -21.18 -14.46
CA LYS B 278 19.40 -20.01 -13.76
C LYS B 278 17.87 -19.98 -13.80
N TYR B 279 17.28 -20.15 -14.97
CA TYR B 279 15.83 -20.23 -15.01
C TYR B 279 15.41 -21.43 -15.84
N SER B 280 14.25 -21.99 -15.49
CA SER B 280 13.74 -23.18 -16.16
C SER B 280 12.25 -23.01 -16.39
N THR B 281 11.75 -23.59 -17.47
CA THR B 281 10.33 -23.55 -17.76
C THR B 281 9.72 -24.95 -17.67
N LEU B 282 8.48 -25.01 -17.15
CA LEU B 282 7.73 -26.24 -16.96
C LEU B 282 6.38 -26.06 -17.62
N GLN B 283 6.09 -26.85 -18.64
CA GLN B 283 4.75 -26.89 -19.22
C GLN B 283 3.97 -27.99 -18.51
N GLY B 284 2.95 -27.61 -17.78
CA GLY B 284 2.10 -28.58 -17.13
C GLY B 284 0.70 -28.49 -17.72
N PRO B 285 0.38 -29.43 -18.61
CA PRO B 285 -0.98 -29.51 -19.18
C PRO B 285 -2.03 -29.71 -18.10
N PRO B 286 -3.33 -29.64 -18.45
CA PRO B 286 -4.38 -29.80 -17.44
C PRO B 286 -4.24 -31.10 -16.66
N GLY B 287 -4.41 -31.02 -15.34
CA GLY B 287 -4.45 -32.19 -14.48
C GLY B 287 -3.16 -32.99 -14.34
N THR B 288 -1.99 -32.37 -14.56
CA THR B 288 -0.72 -33.08 -14.57
C THR B 288 0.09 -32.90 -13.29
N GLY B 289 -0.29 -31.94 -12.44
CA GLY B 289 0.34 -31.83 -11.13
C GLY B 289 1.29 -30.67 -10.97
N LYS B 290 0.90 -29.53 -11.52
CA LYS B 290 1.75 -28.34 -11.45
C LYS B 290 1.99 -27.92 -10.01
N SER B 291 0.93 -27.81 -9.20
CA SER B 291 1.10 -27.39 -7.81
C SER B 291 1.85 -28.47 -7.02
N HIS B 292 1.55 -29.73 -7.29
CA HIS B 292 2.29 -30.84 -6.69
C HIS B 292 3.78 -30.75 -7.00
N PHE B 293 4.12 -30.43 -8.26
CA PHE B 293 5.51 -30.21 -8.64
C PHE B 293 6.14 -29.07 -7.83
N ALA B 294 5.44 -27.94 -7.74
CA ALA B 294 6.00 -26.77 -7.08
C ALA B 294 6.30 -27.04 -5.61
N ILE B 295 5.42 -27.76 -4.94
CA ILE B 295 5.61 -28.03 -3.51
C ILE B 295 6.66 -29.11 -3.32
N GLY B 296 6.71 -30.12 -4.19
CA GLY B 296 7.76 -31.11 -4.05
C GLY B 296 9.15 -30.55 -4.21
N LEU B 297 9.29 -29.42 -4.90
CA LEU B 297 10.60 -28.78 -5.04
C LEU B 297 11.14 -28.38 -3.67
N ALA B 298 10.26 -27.96 -2.76
CA ALA B 298 10.68 -27.62 -1.39
C ALA B 298 11.12 -28.85 -0.62
N LEU B 299 10.46 -29.98 -0.85
CA LEU B 299 10.85 -31.22 -0.18
C LEU B 299 12.15 -31.75 -0.73
N TYR B 300 12.40 -31.53 -2.02
CA TYR B 300 13.66 -32.00 -2.60
C TYR B 300 14.86 -31.17 -2.17
N TYR B 301 14.68 -29.88 -1.93
CA TYR B 301 15.75 -29.00 -1.46
C TYR B 301 15.32 -28.44 -0.09
N PRO B 302 15.18 -29.31 0.91
CA PRO B 302 14.60 -28.90 2.21
C PRO B 302 15.14 -27.64 2.85
N SER B 303 16.38 -27.26 2.56
CA SER B 303 16.92 -26.08 3.22
C SER B 303 16.73 -24.80 2.40
N ALA B 304 16.16 -24.88 1.21
CA ALA B 304 16.07 -23.73 0.33
C ALA B 304 14.98 -22.77 0.79
N ARG B 305 15.25 -21.47 0.68
CA ARG B 305 14.22 -20.45 0.85
C ARG B 305 13.53 -20.28 -0.50
N ILE B 306 12.22 -20.44 -0.52
CA ILE B 306 11.46 -20.42 -1.77
C ILE B 306 10.34 -19.40 -1.67
N VAL B 307 10.25 -18.53 -2.67
CA VAL B 307 9.13 -17.58 -2.82
C VAL B 307 8.24 -18.13 -3.92
N TYR B 308 6.97 -18.39 -3.60
CA TYR B 308 5.97 -18.81 -4.55
C TYR B 308 5.11 -17.62 -4.93
N THR B 309 4.97 -17.37 -6.24
CA THR B 309 4.24 -16.19 -6.69
C THR B 309 3.42 -16.54 -7.92
N ALA B 310 2.42 -15.71 -8.17
CA ALA B 310 1.54 -15.81 -9.31
C ALA B 310 0.82 -14.48 -9.40
N CYS B 311 0.13 -14.26 -10.51
CA CYS B 311 -0.52 -12.97 -10.64
C CYS B 311 -1.77 -12.88 -9.76
N SER B 312 -2.55 -13.95 -9.65
CA SER B 312 -3.85 -13.86 -8.99
C SER B 312 -3.81 -14.46 -7.59
N HIS B 313 -4.70 -13.95 -6.74
CA HIS B 313 -4.81 -14.48 -5.38
C HIS B 313 -5.25 -15.94 -5.40
N ALA B 314 -6.12 -16.30 -6.35
CA ALA B 314 -6.60 -17.68 -6.41
C ALA B 314 -5.45 -18.63 -6.71
N ALA B 315 -4.56 -18.27 -7.63
CA ALA B 315 -3.45 -19.16 -7.95
C ALA B 315 -2.49 -19.25 -6.78
N VAL B 316 -2.25 -18.14 -6.07
CA VAL B 316 -1.41 -18.19 -4.89
C VAL B 316 -2.03 -19.07 -3.83
N ASP B 317 -3.35 -18.91 -3.60
CA ASP B 317 -4.01 -19.67 -2.54
C ASP B 317 -3.95 -21.17 -2.80
N ALA B 318 -4.02 -21.58 -4.07
CA ALA B 318 -3.87 -23.00 -4.41
C ALA B 318 -2.50 -23.51 -3.99
N LEU B 319 -1.45 -22.72 -4.21
CA LEU B 319 -0.13 -23.13 -3.75
C LEU B 319 -0.10 -23.26 -2.23
N CYS B 320 -0.73 -22.30 -1.53
CA CYS B 320 -0.80 -22.38 -0.08
C CYS B 320 -1.50 -23.66 0.37
N GLU B 321 -2.62 -24.02 -0.28
CA GLU B 321 -3.38 -25.18 0.15
C GLU B 321 -2.58 -26.46 -0.04
N LYS B 322 -1.90 -26.58 -1.18
CA LYS B 322 -1.02 -27.72 -1.40
C LYS B 322 0.11 -27.73 -0.37
N ALA B 323 0.67 -26.55 -0.07
CA ALA B 323 1.72 -26.46 0.93
C ALA B 323 1.23 -26.95 2.28
N LEU B 324 -0.02 -26.63 2.62
CA LEU B 324 -0.60 -27.05 3.89
C LEU B 324 -0.57 -28.57 4.05
N LYS B 325 -0.62 -29.30 2.93
CA LYS B 325 -0.59 -30.75 2.94
C LYS B 325 0.81 -31.32 3.17
N TYR B 326 1.87 -30.59 2.80
CA TYR B 326 3.21 -31.15 2.72
C TYR B 326 4.32 -30.40 3.46
N LEU B 327 4.16 -29.09 3.68
CA LEU B 327 5.20 -28.29 4.29
C LEU B 327 4.80 -27.85 5.70
N PRO B 328 5.76 -27.73 6.62
CA PRO B 328 5.43 -27.29 7.98
C PRO B 328 4.86 -25.87 7.99
N ILE B 329 3.75 -25.71 8.68
CA ILE B 329 3.01 -24.45 8.67
C ILE B 329 3.82 -23.33 9.31
N ASP B 330 4.65 -23.66 10.30
CA ASP B 330 5.44 -22.63 10.97
C ASP B 330 6.52 -22.04 10.07
N LYS B 331 6.80 -22.64 8.92
CA LYS B 331 7.80 -22.11 8.01
C LYS B 331 7.19 -21.36 6.83
N CYS B 332 5.87 -21.18 6.83
CA CYS B 332 5.19 -20.54 5.72
C CYS B 332 4.64 -19.18 6.14
N SER B 333 4.54 -18.28 5.18
CA SER B 333 3.92 -16.98 5.38
C SER B 333 3.24 -16.55 4.09
N ARG B 334 2.03 -16.01 4.23
CA ARG B 334 1.27 -15.45 3.12
C ARG B 334 1.38 -13.93 3.21
N ILE B 335 1.89 -13.29 2.16
CA ILE B 335 2.02 -11.84 2.13
C ILE B 335 0.71 -11.25 1.63
N ILE B 336 0.14 -10.33 2.40
CA ILE B 336 -1.15 -9.72 2.10
C ILE B 336 -1.03 -8.20 2.11
N PRO B 337 -1.28 -7.51 1.00
CA PRO B 337 -1.23 -6.05 1.00
C PRO B 337 -2.38 -5.44 1.78
N ALA B 338 -2.14 -4.25 2.33
CA ALA B 338 -3.14 -3.59 3.15
C ALA B 338 -4.36 -3.18 2.31
N VAL B 342 -9.69 -7.75 -0.82
CA VAL B 342 -9.90 -9.10 -1.34
C VAL B 342 -9.45 -10.20 -0.35
N GLU B 343 -10.37 -11.13 -0.06
CA GLU B 343 -10.11 -12.26 0.83
C GLU B 343 -9.10 -13.22 0.21
N CYS B 344 -8.32 -13.88 1.05
CA CYS B 344 -7.40 -14.89 0.54
C CYS B 344 -7.10 -15.91 1.64
N PHE B 345 -6.01 -16.66 1.48
CA PHE B 345 -5.61 -17.70 2.42
C PHE B 345 -5.27 -17.09 3.77
N ASP B 346 -5.79 -17.69 4.85
CA ASP B 346 -5.57 -17.14 6.19
C ASP B 346 -5.08 -18.19 7.19
N LYS B 347 -4.33 -19.19 6.75
CA LYS B 347 -3.84 -20.20 7.68
C LYS B 347 -2.35 -20.07 7.97
N PHE B 348 -1.62 -19.26 7.22
CA PHE B 348 -0.22 -18.97 7.48
C PHE B 348 -0.12 -17.63 8.21
N LYS B 349 1.00 -17.44 8.88
CA LYS B 349 1.28 -16.13 9.47
C LYS B 349 1.40 -15.10 8.35
N VAL B 350 0.89 -13.90 8.61
CA VAL B 350 0.70 -12.89 7.58
C VAL B 350 1.87 -11.92 7.58
N ASN B 351 2.45 -11.70 6.40
CA ASN B 351 3.43 -10.64 6.17
C ASN B 351 4.70 -10.82 6.99
N SER B 352 5.23 -12.05 6.96
CA SER B 352 6.53 -12.36 7.56
C SER B 352 7.50 -12.64 6.42
N THR B 353 8.22 -11.59 6.01
CA THR B 353 9.06 -11.66 4.81
C THR B 353 10.21 -12.66 4.97
N LEU B 354 10.69 -12.88 6.19
CA LEU B 354 11.86 -13.73 6.39
C LEU B 354 11.53 -15.21 6.58
N GLU B 355 10.29 -15.63 6.37
CA GLU B 355 9.96 -17.04 6.51
C GLU B 355 10.55 -17.82 5.33
N GLN B 356 10.81 -19.11 5.57
CA GLN B 356 11.47 -19.93 4.55
C GLN B 356 10.62 -20.04 3.29
N TYR B 357 9.31 -20.15 3.44
CA TYR B 357 8.39 -20.23 2.30
C TYR B 357 7.44 -19.05 2.36
N VAL B 358 7.45 -18.24 1.30
CA VAL B 358 6.65 -17.03 1.20
C VAL B 358 5.71 -17.16 0.00
N PHE B 359 4.42 -16.92 0.23
CA PHE B 359 3.40 -17.04 -0.81
C PHE B 359 2.81 -15.66 -1.04
N CYS B 360 2.87 -15.17 -2.29
CA CYS B 360 2.59 -13.75 -2.50
C CYS B 360 2.30 -13.47 -3.97
N THR B 361 1.30 -12.62 -4.21
CA THR B 361 1.04 -12.20 -5.59
C THR B 361 2.13 -11.27 -6.07
N VAL B 362 2.30 -11.22 -7.39
CA VAL B 362 3.35 -10.41 -8.01
C VAL B 362 3.25 -8.96 -7.53
N ASN B 363 2.04 -8.40 -7.56
CA ASN B 363 1.89 -6.98 -7.24
C ASN B 363 2.26 -6.68 -5.78
N ALA B 364 2.18 -7.66 -4.90
CA ALA B 364 2.42 -7.43 -3.48
C ALA B 364 3.81 -7.85 -3.04
N LEU B 365 4.70 -8.19 -3.97
CA LEU B 365 5.98 -8.78 -3.60
C LEU B 365 6.85 -7.78 -2.85
N PRO B 366 7.48 -8.17 -1.77
CA PRO B 366 8.49 -7.32 -1.14
C PRO B 366 9.80 -7.47 -1.91
N GLU B 367 10.73 -6.55 -1.64
CA GLU B 367 12.05 -6.68 -2.22
C GLU B 367 12.82 -7.65 -1.33
N THR B 368 13.21 -8.79 -1.88
CA THR B 368 13.88 -9.81 -1.07
C THR B 368 14.71 -10.69 -1.99
N THR B 369 15.40 -11.65 -1.37
CA THR B 369 16.18 -12.63 -2.07
C THR B 369 15.62 -14.01 -1.75
N ALA B 370 15.97 -14.98 -2.59
CA ALA B 370 15.49 -16.34 -2.38
C ALA B 370 16.43 -17.30 -3.09
N ASP B 371 16.40 -18.55 -2.66
CA ASP B 371 17.12 -19.58 -3.36
C ASP B 371 16.40 -19.97 -4.64
N ILE B 372 15.07 -20.08 -4.58
CA ILE B 372 14.25 -20.36 -5.76
C ILE B 372 13.03 -19.45 -5.74
N VAL B 373 12.68 -18.92 -6.90
CA VAL B 373 11.39 -18.27 -7.13
C VAL B 373 10.60 -19.19 -8.05
N VAL B 374 9.38 -19.53 -7.62
CA VAL B 374 8.45 -20.32 -8.43
C VAL B 374 7.33 -19.36 -8.85
N PHE B 375 7.18 -19.14 -10.15
CA PHE B 375 6.17 -18.24 -10.70
C PHE B 375 5.17 -19.12 -11.46
N ASP B 376 4.00 -19.34 -10.87
CA ASP B 376 3.00 -20.27 -11.39
C ASP B 376 2.01 -19.56 -12.30
N GLU B 377 1.28 -20.36 -13.09
CA GLU B 377 0.23 -19.86 -13.99
C GLU B 377 0.79 -18.83 -14.99
N ILE B 378 1.89 -19.23 -15.65
CA ILE B 378 2.67 -18.28 -16.44
C ILE B 378 1.94 -17.80 -17.69
N SER B 379 0.98 -18.57 -18.21
CA SER B 379 0.23 -18.10 -19.37
C SER B 379 -0.53 -16.80 -19.08
N MET B 380 -0.94 -16.61 -17.82
CA MET B 380 -1.68 -15.43 -17.36
C MET B 380 -0.79 -14.24 -17.06
N ALA B 381 0.52 -14.38 -17.09
CA ALA B 381 1.38 -13.23 -16.82
C ALA B 381 1.54 -12.38 -18.08
N THR B 382 1.82 -11.10 -17.87
CA THR B 382 2.24 -10.18 -18.91
C THR B 382 3.71 -9.86 -18.71
N ASN B 383 4.33 -9.23 -19.73
CA ASN B 383 5.73 -8.85 -19.58
C ASN B 383 5.90 -7.83 -18.46
N TYR B 384 4.87 -7.04 -18.20
CA TYR B 384 4.91 -6.13 -17.05
C TYR B 384 5.14 -6.91 -15.77
N ASP B 385 4.35 -7.97 -15.56
CA ASP B 385 4.50 -8.83 -14.38
C ASP B 385 5.88 -9.49 -14.35
N LEU B 386 6.34 -10.02 -15.49
CA LEU B 386 7.66 -10.66 -15.51
C LEU B 386 8.73 -9.69 -15.07
N SER B 387 8.62 -8.43 -15.49
CA SER B 387 9.63 -7.45 -15.12
C SER B 387 9.56 -7.12 -13.63
N VAL B 388 8.35 -6.96 -13.10
CA VAL B 388 8.20 -6.66 -11.67
C VAL B 388 8.81 -7.76 -10.83
N VAL B 389 8.62 -9.03 -11.21
CA VAL B 389 9.16 -10.12 -10.41
C VAL B 389 10.68 -10.03 -10.35
N ASN B 390 11.33 -9.77 -11.49
CA ASN B 390 12.77 -9.64 -11.52
C ASN B 390 13.26 -8.40 -10.78
N ALA B 391 12.45 -7.33 -10.74
CA ALA B 391 12.85 -6.15 -9.97
C ALA B 391 12.77 -6.39 -8.47
N ARG B 392 11.82 -7.19 -8.00
CA ARG B 392 11.67 -7.33 -6.55
C ARG B 392 12.43 -8.51 -5.99
N LEU B 393 12.58 -9.59 -6.74
CA LEU B 393 13.15 -10.85 -6.25
C LEU B 393 14.49 -11.14 -6.93
N ARG B 394 15.57 -11.21 -6.14
CA ARG B 394 16.87 -11.68 -6.62
C ARG B 394 17.10 -13.11 -6.13
N ALA B 395 17.10 -14.07 -7.06
CA ALA B 395 17.04 -15.48 -6.75
C ALA B 395 18.17 -16.23 -7.44
N LYS B 396 18.54 -17.39 -6.87
CA LYS B 396 19.55 -18.22 -7.51
C LYS B 396 18.97 -18.95 -8.71
N HIS B 397 17.68 -19.26 -8.65
CA HIS B 397 16.99 -20.05 -9.67
C HIS B 397 15.57 -19.54 -9.78
N TYR B 398 15.05 -19.49 -11.00
CA TYR B 398 13.67 -19.09 -11.26
C TYR B 398 13.02 -20.24 -12.00
N VAL B 399 11.81 -20.61 -11.60
CA VAL B 399 11.03 -21.67 -12.22
C VAL B 399 9.69 -21.10 -12.65
N TYR B 400 9.43 -21.10 -13.94
CA TYR B 400 8.17 -20.60 -14.49
C TYR B 400 7.29 -21.80 -14.85
N ILE B 401 6.12 -21.88 -14.23
CA ILE B 401 5.21 -23.00 -14.40
C ILE B 401 3.92 -22.53 -15.06
N GLY B 402 3.46 -23.28 -16.05
CA GLY B 402 2.19 -22.96 -16.67
C GLY B 402 1.98 -23.78 -17.91
N ASP B 403 1.24 -23.23 -18.84
CA ASP B 403 0.93 -23.98 -20.03
C ASP B 403 0.55 -22.96 -21.10
N PRO B 404 1.43 -22.71 -22.06
CA PRO B 404 1.09 -21.76 -23.14
C PRO B 404 -0.09 -22.21 -23.97
N ALA B 405 -0.61 -23.42 -23.75
CA ALA B 405 -1.82 -23.92 -24.40
C ALA B 405 -3.09 -23.59 -23.61
N GLN B 406 -2.98 -22.90 -22.49
CA GLN B 406 -4.18 -22.45 -21.78
C GLN B 406 -4.39 -20.95 -22.00
N LEU B 407 -5.26 -20.36 -21.20
CA LEU B 407 -5.68 -19.01 -21.55
C LEU B 407 -4.70 -17.95 -21.04
N PRO B 408 -4.53 -16.85 -21.78
CA PRO B 408 -3.69 -15.75 -21.32
C PRO B 408 -4.54 -14.74 -20.56
N ALA B 409 -3.86 -13.77 -19.97
CA ALA B 409 -4.56 -12.66 -19.35
C ALA B 409 -5.35 -11.91 -20.42
N PRO B 410 -6.58 -11.48 -20.12
CA PRO B 410 -7.34 -10.73 -21.12
C PRO B 410 -6.63 -9.44 -21.51
N ARG B 411 -6.62 -9.16 -22.79
CA ARG B 411 -6.13 -7.89 -23.32
C ARG B 411 -7.36 -7.10 -23.75
N THR B 412 -7.86 -6.26 -22.83
CA THR B 412 -9.14 -5.60 -23.06
C THR B 412 -9.12 -4.71 -24.28
N LEU B 413 -7.97 -4.09 -24.59
CA LEU B 413 -7.92 -3.21 -25.76
C LEU B 413 -7.91 -3.97 -27.07
N LEU B 414 -7.50 -5.24 -27.06
CA LEU B 414 -7.29 -5.99 -28.29
C LEU B 414 -8.62 -6.46 -28.85
N THR B 415 -9.00 -5.92 -30.02
CA THR B 415 -10.26 -6.27 -30.66
C THR B 415 -10.11 -6.93 -32.02
N LYS B 416 -9.02 -6.68 -32.74
CA LYS B 416 -8.80 -7.24 -34.06
C LYS B 416 -7.59 -8.17 -34.05
N GLY B 417 -7.79 -9.40 -34.50
CA GLY B 417 -6.74 -10.40 -34.55
C GLY B 417 -6.69 -11.25 -33.29
N THR B 418 -6.02 -12.39 -33.41
CA THR B 418 -5.85 -13.32 -32.32
C THR B 418 -4.42 -13.24 -31.83
N LEU B 419 -4.25 -13.24 -30.52
CA LEU B 419 -2.94 -13.24 -29.90
C LEU B 419 -2.51 -14.70 -29.79
N GLU B 420 -1.46 -15.07 -30.52
CA GLU B 420 -1.00 -16.45 -30.49
C GLU B 420 -0.18 -16.69 -29.23
N PRO B 421 -0.10 -17.95 -28.78
CA PRO B 421 0.58 -18.21 -27.49
C PRO B 421 2.02 -17.73 -27.41
N GLU B 422 2.79 -17.83 -28.50
CA GLU B 422 4.18 -17.35 -28.46
C GLU B 422 4.28 -15.85 -28.23
N TYR B 423 3.17 -15.12 -28.20
CA TYR B 423 3.23 -13.69 -27.93
C TYR B 423 2.62 -13.32 -26.59
N PHE B 424 2.29 -14.32 -25.74
CA PHE B 424 1.63 -14.02 -24.48
C PHE B 424 2.56 -13.22 -23.57
N ASN B 425 3.81 -13.66 -23.48
CA ASN B 425 4.85 -12.99 -22.70
C ASN B 425 6.17 -13.67 -23.06
N SER B 426 7.27 -13.21 -22.43
CA SER B 426 8.60 -13.68 -22.81
C SER B 426 8.78 -15.15 -22.48
N VAL B 427 8.11 -15.66 -21.46
CA VAL B 427 8.28 -17.06 -21.08
C VAL B 427 7.56 -17.97 -22.08
N CYS B 428 6.31 -17.64 -22.40
CA CYS B 428 5.56 -18.42 -23.36
C CYS B 428 6.20 -18.37 -24.74
N ARG B 429 6.80 -17.23 -25.09
CA ARG B 429 7.60 -17.18 -26.31
C ARG B 429 8.68 -18.26 -26.30
N LEU B 430 9.48 -18.32 -25.23
CA LEU B 430 10.51 -19.36 -25.17
C LEU B 430 9.89 -20.76 -25.28
N MET B 431 8.80 -21.00 -24.55
CA MET B 431 8.25 -22.35 -24.50
C MET B 431 7.73 -22.77 -25.86
N LYS B 432 7.28 -21.83 -26.68
CA LYS B 432 6.75 -22.16 -27.99
C LYS B 432 7.81 -22.10 -29.09
N THR B 433 8.92 -21.39 -28.87
CA THR B 433 9.96 -21.32 -29.90
C THR B 433 11.10 -22.32 -29.68
N ILE B 434 11.64 -22.42 -28.47
CA ILE B 434 12.68 -23.42 -28.18
C ILE B 434 12.16 -24.63 -27.40
N GLY B 435 10.96 -24.55 -26.82
CA GLY B 435 10.40 -25.67 -26.11
C GLY B 435 10.56 -25.50 -24.61
N PRO B 436 9.66 -26.10 -23.84
CA PRO B 436 9.80 -26.06 -22.38
C PRO B 436 10.97 -26.92 -21.93
N ASP B 437 11.58 -26.52 -20.81
CA ASP B 437 12.66 -27.33 -20.26
C ASP B 437 12.13 -28.63 -19.69
N MET B 438 10.91 -28.60 -19.15
CA MET B 438 10.31 -29.73 -18.45
C MET B 438 8.86 -29.80 -18.91
N PHE B 439 8.31 -31.02 -18.92
CA PHE B 439 6.93 -31.26 -19.35
C PHE B 439 6.34 -32.36 -18.49
N LEU B 440 5.19 -32.09 -17.87
CA LEU B 440 4.50 -33.10 -17.09
C LEU B 440 3.60 -33.86 -18.05
N GLY B 441 3.94 -35.10 -18.34
CA GLY B 441 3.33 -35.79 -19.46
C GLY B 441 2.15 -36.67 -19.20
N THR B 442 1.68 -36.80 -17.96
CA THR B 442 0.58 -37.69 -17.62
C THR B 442 -0.57 -36.91 -17.01
N CYS B 443 -1.69 -36.84 -17.73
CA CYS B 443 -2.90 -36.21 -17.20
C CYS B 443 -3.61 -37.23 -16.32
N ARG B 444 -3.85 -36.85 -15.07
CA ARG B 444 -4.48 -37.73 -14.09
C ARG B 444 -5.96 -37.43 -13.89
N ARG B 445 -6.51 -36.45 -14.60
CA ARG B 445 -7.87 -36.01 -14.31
C ARG B 445 -8.88 -36.52 -15.31
N CYS B 446 -8.53 -36.53 -16.56
CA CYS B 446 -9.56 -36.60 -17.58
C CYS B 446 -9.68 -38.01 -18.16
N PRO B 447 -10.87 -38.40 -18.63
CA PRO B 447 -10.98 -39.66 -19.37
C PRO B 447 -10.09 -39.61 -20.60
N ALA B 448 -9.78 -40.80 -21.12
CA ALA B 448 -8.80 -40.90 -22.20
C ALA B 448 -9.27 -40.23 -23.49
N GLU B 449 -10.59 -40.22 -23.75
CA GLU B 449 -11.08 -39.55 -24.95
C GLU B 449 -10.72 -38.07 -24.96
N ILE B 450 -10.70 -37.44 -23.77
CA ILE B 450 -10.34 -36.03 -23.68
C ILE B 450 -8.84 -35.86 -23.83
N VAL B 451 -8.06 -36.71 -23.15
CA VAL B 451 -6.61 -36.55 -23.20
C VAL B 451 -6.13 -36.73 -24.64
N ASP B 452 -6.61 -37.81 -25.29
CA ASP B 452 -6.20 -38.08 -26.66
C ASP B 452 -6.54 -36.90 -27.56
N THR B 453 -7.69 -36.27 -27.32
CA THR B 453 -8.12 -35.14 -28.14
C THR B 453 -7.17 -33.96 -28.00
N VAL B 454 -6.92 -33.52 -26.76
CA VAL B 454 -6.08 -32.34 -26.60
C VAL B 454 -4.62 -32.66 -26.82
N SER B 455 -4.21 -33.90 -26.56
CA SER B 455 -2.84 -34.31 -26.85
C SER B 455 -2.51 -34.06 -28.32
N ALA B 456 -3.43 -34.46 -29.21
CA ALA B 456 -3.21 -34.21 -30.62
C ALA B 456 -3.46 -32.75 -30.96
N LEU B 457 -4.42 -32.12 -30.29
CA LEU B 457 -4.82 -30.75 -30.64
C LEU B 457 -3.70 -29.75 -30.36
N VAL B 458 -3.05 -29.85 -29.18
CA VAL B 458 -2.15 -28.77 -28.76
C VAL B 458 -0.84 -29.25 -28.12
N TYR B 459 -0.69 -30.54 -27.83
CA TYR B 459 0.52 -31.00 -27.15
C TYR B 459 1.40 -31.92 -27.99
N ASP B 460 1.24 -31.91 -29.32
CA ASP B 460 2.09 -32.70 -30.21
C ASP B 460 2.15 -34.18 -29.81
N ASN B 461 1.01 -34.70 -29.35
CA ASN B 461 0.85 -36.10 -28.93
C ASN B 461 1.76 -36.49 -27.78
N LYS B 462 2.22 -35.53 -26.99
CA LYS B 462 3.10 -35.84 -25.87
C LYS B 462 2.38 -36.11 -24.57
N LEU B 463 1.09 -35.77 -24.46
CA LEU B 463 0.38 -35.89 -23.18
C LEU B 463 -0.28 -37.26 -23.13
N LYS B 464 0.04 -38.01 -22.08
CA LYS B 464 -0.52 -39.34 -21.93
C LYS B 464 -1.62 -39.37 -20.86
N ALA B 465 -2.51 -40.35 -21.01
CA ALA B 465 -3.67 -40.50 -20.14
C ALA B 465 -3.34 -41.46 -19.01
N HIS B 466 -3.75 -41.09 -17.80
CA HIS B 466 -3.66 -42.02 -16.68
C HIS B 466 -4.91 -42.88 -16.57
N LYS B 467 -6.08 -42.29 -16.83
CA LYS B 467 -7.36 -42.98 -16.79
C LYS B 467 -7.66 -43.68 -18.11
N ASP B 468 -8.54 -44.67 -18.05
CA ASP B 468 -9.04 -45.32 -19.25
C ASP B 468 -10.08 -44.42 -19.92
N LYS B 469 -10.59 -44.89 -21.06
CA LYS B 469 -11.77 -44.26 -21.66
C LYS B 469 -12.95 -44.44 -20.71
N SER B 470 -13.78 -43.40 -20.58
CA SER B 470 -14.95 -43.50 -19.73
C SER B 470 -16.21 -43.86 -20.49
N ALA B 471 -16.20 -43.78 -21.82
CA ALA B 471 -17.38 -44.01 -22.65
C ALA B 471 -18.51 -43.01 -22.38
N GLN B 472 -18.22 -41.90 -21.71
CA GLN B 472 -19.22 -40.87 -21.45
C GLN B 472 -18.81 -39.52 -22.05
N CYS B 473 -18.08 -39.55 -23.15
CA CYS B 473 -17.61 -38.36 -23.85
C CYS B 473 -18.33 -38.26 -25.19
N PHE B 474 -19.17 -37.24 -25.35
CA PHE B 474 -20.13 -37.17 -26.44
C PHE B 474 -20.02 -35.83 -27.13
N LYS B 475 -20.30 -35.82 -28.44
CA LYS B 475 -20.24 -34.63 -29.26
C LYS B 475 -21.46 -34.58 -30.16
N MET B 476 -21.95 -33.37 -30.43
N MET B 476 -21.94 -33.37 -30.43
CA MET B 476 -23.07 -33.19 -31.33
CA MET B 476 -23.08 -33.18 -31.32
C MET B 476 -22.80 -31.96 -32.17
C MET B 476 -22.81 -31.95 -32.16
N PHE B 477 -23.14 -32.03 -33.45
CA PHE B 477 -23.01 -30.92 -34.37
C PHE B 477 -24.40 -30.30 -34.51
N TYR B 478 -24.57 -29.07 -34.06
CA TYR B 478 -25.85 -28.40 -34.18
C TYR B 478 -25.65 -26.90 -34.19
N LYS B 479 -25.89 -26.25 -35.34
CA LYS B 479 -25.63 -24.82 -35.44
C LYS B 479 -26.63 -24.00 -34.64
N GLY B 480 -27.89 -24.43 -34.58
CA GLY B 480 -28.84 -23.71 -33.79
C GLY B 480 -29.11 -22.32 -34.36
N VAL B 481 -29.35 -21.37 -33.47
CA VAL B 481 -29.75 -20.01 -33.84
C VAL B 481 -29.02 -19.04 -32.94
N ILE B 482 -28.30 -18.07 -33.52
CA ILE B 482 -27.46 -17.17 -32.75
C ILE B 482 -28.14 -15.82 -32.67
N THR B 483 -28.36 -15.34 -31.45
CA THR B 483 -28.78 -13.96 -31.23
C THR B 483 -27.70 -13.25 -30.43
N HIS B 484 -27.74 -11.93 -30.51
CA HIS B 484 -26.70 -11.08 -29.92
C HIS B 484 -27.39 -10.06 -29.03
N ASP B 485 -26.89 -9.92 -27.80
CA ASP B 485 -27.24 -8.77 -26.99
C ASP B 485 -26.10 -7.74 -27.06
N VAL B 486 -25.99 -6.89 -26.04
CA VAL B 486 -25.13 -5.70 -26.15
C VAL B 486 -23.66 -6.10 -26.32
N SER B 487 -23.20 -7.16 -25.65
CA SER B 487 -21.80 -7.51 -25.73
C SER B 487 -21.54 -9.01 -25.70
N SER B 488 -22.55 -9.85 -25.93
CA SER B 488 -22.37 -11.28 -25.77
C SER B 488 -23.23 -11.99 -26.82
N ALA B 489 -23.26 -13.32 -26.76
CA ALA B 489 -23.98 -14.11 -27.75
C ALA B 489 -24.78 -15.20 -27.05
N ILE B 490 -25.87 -15.62 -27.70
CA ILE B 490 -26.78 -16.58 -27.11
C ILE B 490 -27.23 -17.57 -28.20
N ASN B 491 -27.27 -18.85 -27.84
CA ASN B 491 -27.77 -19.88 -28.75
C ASN B 491 -28.84 -20.70 -28.02
N ARG B 492 -30.07 -20.22 -28.05
CA ARG B 492 -31.14 -20.92 -27.33
C ARG B 492 -31.37 -22.34 -27.84
N PRO B 493 -31.40 -22.59 -29.17
CA PRO B 493 -31.57 -23.98 -29.62
C PRO B 493 -30.52 -24.94 -29.08
N GLN B 494 -29.27 -24.51 -28.95
CA GLN B 494 -28.27 -25.43 -28.38
C GLN B 494 -28.60 -25.77 -26.93
N ILE B 495 -29.10 -24.79 -26.16
CA ILE B 495 -29.58 -25.08 -24.81
C ILE B 495 -30.78 -26.02 -24.84
N GLY B 496 -31.66 -25.85 -25.83
CA GLY B 496 -32.78 -26.79 -25.98
C GLY B 496 -32.30 -28.22 -26.16
N VAL B 497 -31.28 -28.42 -26.99
CA VAL B 497 -30.73 -29.76 -27.22
C VAL B 497 -30.19 -30.34 -25.91
N VAL B 498 -29.54 -29.51 -25.10
CA VAL B 498 -29.06 -29.96 -23.80
C VAL B 498 -30.23 -30.31 -22.89
N ARG B 499 -31.28 -29.47 -22.88
CA ARG B 499 -32.45 -29.75 -22.07
C ARG B 499 -33.03 -31.11 -22.42
N GLU B 500 -33.11 -31.42 -23.72
CA GLU B 500 -33.63 -32.73 -24.13
C GLU B 500 -32.67 -33.86 -23.79
N PHE B 501 -31.36 -33.62 -23.87
CA PHE B 501 -30.39 -34.61 -23.45
C PHE B 501 -30.52 -34.93 -21.95
N LEU B 502 -30.71 -33.89 -21.13
CA LEU B 502 -30.83 -34.10 -19.69
C LEU B 502 -32.08 -34.90 -19.34
N THR B 503 -33.18 -34.66 -20.05
CA THR B 503 -34.39 -35.41 -19.73
C THR B 503 -34.19 -36.89 -20.00
N ARG B 504 -33.49 -37.24 -21.08
CA ARG B 504 -33.18 -38.63 -21.37
C ARG B 504 -31.99 -39.15 -20.58
N ASN B 505 -31.19 -38.27 -19.96
CA ASN B 505 -29.99 -38.67 -19.22
C ASN B 505 -29.92 -37.95 -17.88
N PRO B 506 -30.91 -38.18 -17.00
CA PRO B 506 -31.02 -37.34 -15.80
C PRO B 506 -29.84 -37.43 -14.84
N ALA B 507 -29.01 -38.46 -14.93
CA ALA B 507 -27.78 -38.48 -14.14
C ALA B 507 -26.88 -37.28 -14.46
N TRP B 508 -27.01 -36.69 -15.63
CA TRP B 508 -26.16 -35.56 -15.97
C TRP B 508 -26.66 -34.25 -15.35
N ARG B 509 -27.69 -34.31 -14.52
CA ARG B 509 -28.12 -33.12 -13.80
C ARG B 509 -27.09 -32.66 -12.78
N LYS B 510 -26.04 -33.45 -12.55
CA LYS B 510 -24.93 -33.00 -11.71
C LYS B 510 -23.86 -32.27 -12.52
N ALA B 511 -24.04 -32.08 -13.81
CA ALA B 511 -23.02 -31.48 -14.65
C ALA B 511 -22.89 -29.98 -14.37
N VAL B 512 -21.77 -29.43 -14.81
CA VAL B 512 -21.56 -27.98 -14.85
C VAL B 512 -21.68 -27.57 -16.31
N PHE B 513 -22.38 -26.46 -16.55
CA PHE B 513 -22.56 -25.93 -17.91
C PHE B 513 -21.46 -24.91 -18.20
N ILE B 514 -20.84 -25.03 -19.36
CA ILE B 514 -19.76 -24.15 -19.77
C ILE B 514 -20.01 -23.68 -21.20
N SER B 515 -19.76 -22.39 -21.45
CA SER B 515 -19.82 -21.85 -22.79
C SER B 515 -18.87 -20.65 -22.88
N PRO B 516 -18.55 -20.20 -24.09
CA PRO B 516 -17.67 -19.03 -24.24
C PRO B 516 -18.32 -17.68 -23.93
N TYR B 517 -19.61 -17.63 -23.57
CA TYR B 517 -20.32 -16.36 -23.42
C TYR B 517 -21.13 -16.30 -22.14
N ASN B 518 -21.02 -15.19 -21.42
CA ASN B 518 -21.76 -15.09 -20.16
C ASN B 518 -23.27 -15.06 -20.40
N SER B 519 -23.72 -14.40 -21.47
CA SER B 519 -25.16 -14.34 -21.72
C SER B 519 -25.72 -15.72 -22.01
N GLN B 520 -24.98 -16.54 -22.75
CA GLN B 520 -25.40 -17.92 -22.97
C GLN B 520 -25.52 -18.66 -21.64
N ASN B 521 -24.58 -18.40 -20.72
CA ASN B 521 -24.62 -19.03 -19.41
C ASN B 521 -25.84 -18.55 -18.62
N ALA B 522 -26.14 -17.25 -18.67
CA ALA B 522 -27.28 -16.73 -17.93
C ALA B 522 -28.57 -17.38 -18.42
N VAL B 523 -28.72 -17.57 -19.72
CA VAL B 523 -29.89 -18.28 -20.23
C VAL B 523 -29.90 -19.72 -19.75
N ALA B 524 -28.76 -20.42 -19.88
CA ALA B 524 -28.71 -21.84 -19.51
C ALA B 524 -29.05 -22.04 -18.05
N SER B 525 -28.62 -21.12 -17.18
CA SER B 525 -28.86 -21.24 -15.75
C SER B 525 -30.35 -21.26 -15.43
N LYS B 526 -31.13 -20.41 -16.09
CA LYS B 526 -32.56 -20.38 -15.84
C LYS B 526 -33.26 -21.58 -16.45
N ILE B 527 -32.86 -21.98 -17.66
CA ILE B 527 -33.53 -23.06 -18.37
C ILE B 527 -33.18 -24.43 -17.81
N LEU B 528 -31.91 -24.64 -17.45
CA LEU B 528 -31.42 -25.96 -17.06
C LEU B 528 -31.16 -26.10 -15.57
N GLY B 529 -30.88 -25.01 -14.87
CA GLY B 529 -30.60 -25.08 -13.45
C GLY B 529 -29.21 -25.57 -13.08
N LEU B 530 -28.36 -25.87 -14.05
CA LEU B 530 -27.00 -26.29 -13.74
C LEU B 530 -26.17 -25.09 -13.26
N PRO B 531 -25.15 -25.32 -12.44
CA PRO B 531 -24.13 -24.28 -12.24
C PRO B 531 -23.43 -24.00 -13.56
N THR B 532 -23.04 -22.74 -13.76
CA THR B 532 -22.47 -22.34 -15.03
C THR B 532 -21.11 -21.67 -14.82
N GLN B 533 -20.32 -21.68 -15.89
CA GLN B 533 -18.99 -21.07 -15.87
C GLN B 533 -18.65 -20.66 -17.29
N THR B 534 -18.00 -19.52 -17.44
CA THR B 534 -17.37 -19.31 -18.73
C THR B 534 -16.07 -20.11 -18.77
N VAL B 535 -15.58 -20.36 -19.98
CA VAL B 535 -14.34 -21.13 -20.10
C VAL B 535 -13.24 -20.44 -19.31
N ASP B 536 -13.20 -19.11 -19.40
CA ASP B 536 -12.15 -18.32 -18.76
C ASP B 536 -12.22 -18.38 -17.24
N SER B 537 -13.43 -18.42 -16.68
CA SER B 537 -13.54 -18.58 -15.22
C SER B 537 -13.27 -20.02 -14.78
N SER B 538 -13.52 -21.00 -15.64
CA SER B 538 -13.31 -22.40 -15.23
C SER B 538 -11.84 -22.80 -15.15
N GLN B 539 -10.93 -22.09 -15.84
CA GLN B 539 -9.53 -22.53 -15.90
C GLN B 539 -9.00 -22.73 -14.49
N GLY B 540 -8.39 -23.89 -14.25
CA GLY B 540 -7.97 -24.26 -12.92
C GLY B 540 -8.95 -25.09 -12.13
N SER B 541 -10.21 -25.22 -12.58
CA SER B 541 -11.19 -26.00 -11.84
C SER B 541 -11.44 -27.33 -12.55
N GLU B 542 -12.08 -28.25 -11.81
CA GLU B 542 -12.45 -29.53 -12.39
C GLU B 542 -13.82 -29.96 -11.88
N TYR B 543 -14.54 -30.69 -12.74
CA TYR B 543 -15.89 -31.14 -12.44
C TYR B 543 -16.06 -32.54 -13.01
N ASP B 544 -16.90 -33.35 -12.36
CA ASP B 544 -17.16 -34.70 -12.84
C ASP B 544 -17.74 -34.68 -14.24
N TYR B 545 -18.82 -33.93 -14.44
CA TYR B 545 -19.51 -33.88 -15.72
C TYR B 545 -19.55 -32.44 -16.22
N VAL B 546 -19.23 -32.26 -17.50
CA VAL B 546 -19.24 -30.94 -18.12
C VAL B 546 -20.16 -30.99 -19.32
N ILE B 547 -20.98 -29.95 -19.48
CA ILE B 547 -21.79 -29.77 -20.69
C ILE B 547 -21.34 -28.45 -21.34
N PHE B 548 -20.91 -28.53 -22.59
CA PHE B 548 -20.36 -27.40 -23.31
C PHE B 548 -21.21 -27.10 -24.54
N THR B 549 -21.63 -25.85 -24.71
CA THR B 549 -22.26 -25.40 -25.95
C THR B 549 -21.37 -24.33 -26.58
N GLN B 550 -20.90 -24.59 -27.80
CA GLN B 550 -19.98 -23.66 -28.44
C GLN B 550 -20.63 -22.30 -28.70
N THR B 551 -21.94 -22.27 -28.88
CA THR B 551 -22.74 -21.05 -29.08
C THR B 551 -22.59 -20.43 -30.47
N THR B 552 -21.36 -20.16 -30.90
CA THR B 552 -21.07 -19.55 -32.20
C THR B 552 -19.82 -20.19 -32.78
N GLU B 553 -19.44 -19.75 -33.98
CA GLU B 553 -18.21 -20.15 -34.66
C GLU B 553 -17.18 -19.03 -34.74
N THR B 554 -17.29 -18.00 -33.92
CA THR B 554 -16.38 -16.87 -34.03
C THR B 554 -14.95 -17.30 -33.68
N ALA B 555 -14.01 -16.41 -33.97
CA ALA B 555 -12.63 -16.62 -33.54
C ALA B 555 -12.57 -16.87 -32.04
N HIS B 556 -13.41 -16.14 -31.29
CA HIS B 556 -13.42 -16.29 -29.84
C HIS B 556 -13.85 -17.68 -29.40
N SER B 557 -14.91 -18.22 -30.01
CA SER B 557 -15.41 -19.52 -29.58
C SER B 557 -14.65 -20.69 -30.20
N CYS B 558 -13.87 -20.46 -31.26
CA CYS B 558 -13.05 -21.52 -31.85
C CYS B 558 -11.60 -21.43 -31.43
N ASN B 559 -11.26 -20.54 -30.48
CA ASN B 559 -9.89 -20.44 -30.00
C ASN B 559 -9.42 -21.77 -29.43
N VAL B 560 -8.31 -22.28 -29.95
CA VAL B 560 -7.88 -23.62 -29.54
C VAL B 560 -7.52 -23.67 -28.05
N ASN B 561 -6.90 -22.61 -27.55
CA ASN B 561 -6.56 -22.58 -26.12
C ASN B 561 -7.81 -22.59 -25.25
N ARG B 562 -8.81 -21.78 -25.62
CA ARG B 562 -10.09 -21.76 -24.93
C ARG B 562 -10.75 -23.13 -24.99
N PHE B 563 -10.77 -23.75 -26.19
CA PHE B 563 -11.39 -25.06 -26.32
C PHE B 563 -10.67 -26.11 -25.49
N ASN B 564 -9.33 -26.05 -25.46
CA ASN B 564 -8.56 -26.99 -24.67
C ASN B 564 -8.92 -26.88 -23.19
N VAL B 565 -9.06 -25.65 -22.70
CA VAL B 565 -9.44 -25.44 -21.30
C VAL B 565 -10.84 -25.97 -21.05
N ALA B 566 -11.77 -25.71 -21.96
CA ALA B 566 -13.16 -26.11 -21.74
C ALA B 566 -13.28 -27.61 -21.51
N ILE B 567 -12.65 -28.42 -22.37
CA ILE B 567 -12.86 -29.87 -22.26
C ILE B 567 -11.99 -30.55 -21.22
N THR B 568 -10.96 -29.90 -20.71
CA THR B 568 -10.08 -30.52 -19.73
C THR B 568 -10.59 -30.33 -18.31
N ARG B 569 -11.77 -29.74 -18.16
CA ARG B 569 -12.35 -29.60 -16.84
C ARG B 569 -13.03 -30.88 -16.41
N ALA B 570 -13.32 -31.79 -17.35
CA ALA B 570 -14.14 -32.95 -17.07
C ALA B 570 -13.31 -34.09 -16.48
N LYS B 571 -13.79 -34.67 -15.39
CA LYS B 571 -13.15 -35.86 -14.82
C LYS B 571 -13.77 -37.17 -15.27
N VAL B 572 -15.01 -37.15 -15.74
CA VAL B 572 -15.73 -38.39 -16.02
C VAL B 572 -16.38 -38.33 -17.39
N GLY B 573 -17.22 -37.32 -17.60
CA GLY B 573 -18.00 -37.23 -18.84
C GLY B 573 -18.09 -35.80 -19.33
N ILE B 574 -18.24 -35.67 -20.64
CA ILE B 574 -18.44 -34.37 -21.28
C ILE B 574 -19.41 -34.54 -22.45
N LEU B 575 -20.22 -33.51 -22.67
CA LEU B 575 -21.10 -33.41 -23.82
C LEU B 575 -20.80 -32.06 -24.46
N CYS B 576 -20.33 -32.08 -25.70
CA CYS B 576 -20.03 -30.87 -26.45
C CYS B 576 -21.04 -30.69 -27.57
N ILE B 577 -21.85 -29.63 -27.51
CA ILE B 577 -22.67 -29.22 -28.65
C ILE B 577 -21.86 -28.20 -29.44
N MET B 578 -21.54 -28.54 -30.69
CA MET B 578 -20.56 -27.79 -31.47
C MET B 578 -21.21 -27.05 -32.63
N SER B 579 -20.71 -25.84 -32.88
CA SER B 579 -21.04 -25.06 -34.07
C SER B 579 -19.99 -25.21 -35.16
N ASP B 580 -18.72 -25.40 -34.78
CA ASP B 580 -17.61 -25.38 -35.72
C ASP B 580 -17.28 -26.82 -36.13
N ARG B 581 -17.45 -27.11 -37.42
CA ARG B 581 -17.13 -28.44 -37.95
C ARG B 581 -15.67 -28.82 -37.68
N ASP B 582 -14.74 -27.87 -37.86
CA ASP B 582 -13.32 -28.13 -37.64
C ASP B 582 -13.09 -28.75 -36.26
N LEU B 583 -13.51 -28.05 -35.21
CA LEU B 583 -13.30 -28.57 -33.86
C LEU B 583 -14.17 -29.79 -33.58
N TYR B 584 -15.37 -29.84 -34.17
CA TYR B 584 -16.19 -31.03 -34.02
C TYR B 584 -15.42 -32.26 -34.51
N ASP B 585 -14.87 -32.18 -35.72
CA ASP B 585 -14.16 -33.33 -36.30
C ASP B 585 -12.91 -33.69 -35.50
N LYS B 586 -12.34 -32.75 -34.77
CA LYS B 586 -11.15 -33.01 -33.95
C LYS B 586 -11.48 -33.71 -32.63
N LEU B 587 -12.74 -33.70 -32.21
CA LEU B 587 -13.11 -34.34 -30.95
C LEU B 587 -13.18 -35.85 -31.12
N GLN B 588 -12.41 -36.55 -30.30
CA GLN B 588 -12.39 -38.01 -30.30
C GLN B 588 -13.48 -38.57 -29.38
N PHE B 589 -14.71 -38.07 -29.56
CA PHE B 589 -15.85 -38.43 -28.74
C PHE B 589 -16.86 -39.17 -29.61
N THR B 590 -17.84 -39.79 -28.95
CA THR B 590 -18.89 -40.53 -29.63
C THR B 590 -19.90 -39.54 -30.18
N SER B 591 -20.21 -39.63 -31.47
CA SER B 591 -21.15 -38.69 -32.06
C SER B 591 -22.58 -39.07 -31.68
N LEU B 592 -23.41 -38.05 -31.44
CA LEU B 592 -24.81 -38.22 -31.13
C LEU B 592 -25.67 -37.53 -32.19
N GLU B 593 -26.82 -38.13 -32.48
CA GLU B 593 -27.71 -37.55 -33.48
C GLU B 593 -28.58 -36.50 -32.80
N ILE B 594 -28.88 -35.43 -33.53
CA ILE B 594 -29.72 -34.37 -32.97
C ILE B 594 -31.12 -34.92 -32.69
N PRO B 595 -31.66 -34.78 -31.48
CA PRO B 595 -33.04 -35.18 -31.21
C PRO B 595 -34.02 -34.43 -32.11
ZN ZN C . 14.67 -32.25 32.50
ZN ZN D . 13.45 -10.77 27.02
ZN ZN E . 25.05 -8.53 21.63
PG ATP F . 2.64 28.57 10.96
O1G ATP F . 2.35 27.62 9.85
O2G ATP F . 1.70 28.41 12.16
O3G ATP F . 4.08 28.56 11.41
PB ATP F . 1.24 30.98 9.99
O1B ATP F . -0.01 30.68 10.72
O2B ATP F . 1.77 32.42 9.99
O3B ATP F . 2.41 30.05 10.46
PA ATP F . 1.94 30.66 7.13
O1A ATP F . 1.16 30.21 5.95
O2A ATP F . 3.25 29.91 7.31
O3A ATP F . 1.09 30.52 8.47
O5' ATP F . 2.24 32.21 7.02
C5' ATP F . 1.16 33.18 6.98
C4' ATP F . 1.60 34.37 6.16
O4' ATP F . 2.71 35.03 6.80
C3' ATP F . 2.12 34.06 4.76
O3' ATP F . 1.08 33.81 3.83
C2' ATP F . 2.89 35.34 4.44
O2' ATP F . 2.03 36.39 4.01
C1' ATP F . 3.52 35.65 5.81
N9 ATP F . 4.88 35.14 5.93
C8 ATP F . 5.27 33.96 6.50
N7 ATP F . 6.56 33.74 6.45
C5 ATP F . 7.05 34.85 5.78
C6 ATP F . 8.35 35.23 5.40
N6 ATP F . 9.45 34.49 5.65
N1 ATP F . 8.50 36.40 4.74
C2 ATP F . 7.41 37.13 4.49
N3 ATP F . 6.15 36.88 4.79
C4 ATP F . 6.03 35.72 5.45
P PO4 G . 1.02 26.42 14.94
O1 PO4 G . 0.83 26.18 13.46
O2 PO4 G . 2.48 26.54 15.25
O3 PO4 G . 0.29 27.67 15.34
O4 PO4 G . 0.40 25.27 15.71
S1 MPO H . -10.83 14.71 27.52
O1 MPO H . -10.18 15.60 26.59
O2 MPO H . -11.85 15.32 28.34
O4 MPO H . -4.72 11.96 30.35
N1 MPO H . -7.08 13.56 30.16
C1 MPO H . -9.58 14.12 28.63
O3 MPO H . -11.33 13.50 26.83
C2 MPO H . -8.56 15.19 28.99
C3 MPO H . -7.80 14.83 30.24
C4 MPO H . -6.47 13.23 31.45
C5 MPO H . -5.73 11.92 31.35
C6 MPO H . -5.31 12.28 29.09
C7 MPO H . -6.04 13.60 29.14
PG ATP I . 24.69 15.40 -7.32
O1G ATP I . 26.11 14.97 -7.48
O2G ATP I . 24.01 14.85 -6.06
O3G ATP I . 24.49 16.93 -7.35
PB ATP I . 22.26 14.61 -8.87
O1B ATP I . 21.50 15.89 -8.81
O2B ATP I . 21.77 13.48 -7.97
O3B ATP I . 23.79 14.85 -8.52
PA ATP I . 21.23 13.53 -11.42
O1A ATP I . 19.87 13.75 -10.90
O2A ATP I . 21.56 12.09 -11.75
O3A ATP I . 22.30 14.04 -10.35
O5' ATP I . 21.52 14.45 -12.68
C5' ATP I . 22.74 14.32 -13.43
C4' ATP I . 23.42 15.67 -13.54
O4' ATP I . 22.60 16.56 -14.33
C3' ATP I . 23.62 16.42 -12.23
O3' ATP I . 24.76 15.95 -11.53
C2' ATP I . 23.79 17.85 -12.74
O2' ATP I . 25.11 18.08 -13.26
C1' ATP I . 22.77 17.90 -13.88
N9 ATP I . 21.46 18.41 -13.47
C8 ATP I . 20.43 17.70 -12.91
N7 ATP I . 19.37 18.43 -12.64
C5 ATP I . 19.74 19.71 -13.02
C6 ATP I . 19.06 20.94 -12.98
N6 ATP I . 17.82 21.10 -12.52
N1 ATP I . 19.72 22.04 -13.44
C2 ATP I . 20.96 21.88 -13.91
N3 ATP I . 21.70 20.77 -13.99
C4 ATP I . 21.03 19.71 -13.53
ZN ZN J . 6.73 10.34 -28.27
ZN ZN K . 19.31 7.41 -27.46
ZN ZN L . 5.85 32.28 -29.56
PG ATP M . -2.74 -27.61 -9.87
O1G ATP M . -2.42 -26.16 -10.09
O2G ATP M . -1.51 -28.49 -9.61
O3G ATP M . -3.77 -27.84 -8.76
PB ATP M . -3.11 -29.33 -12.26
O1B ATP M . -4.06 -29.21 -13.40
O2B ATP M . -1.63 -29.29 -12.59
O3B ATP M . -3.40 -28.24 -11.17
PA ATP M . -4.59 -31.28 -10.57
O1A ATP M . -5.61 -31.96 -11.41
O2A ATP M . -5.13 -30.14 -9.70
O3A ATP M . -3.40 -30.68 -11.46
O5' ATP M . -3.86 -32.32 -9.64
C5' ATP M . -3.74 -33.71 -10.01
C4' ATP M . -3.61 -34.48 -8.72
O4' ATP M . -2.58 -35.49 -8.85
C3' ATP M . -3.23 -33.65 -7.51
O3' ATP M . -3.86 -34.15 -6.33
C2' ATP M . -1.71 -33.82 -7.45
O2' ATP M . -1.21 -33.58 -6.14
C1' ATP M . -1.60 -35.28 -7.86
N9 ATP M . -0.30 -35.67 -8.43
C8 ATP M . 0.44 -35.00 -9.36
N7 ATP M . 1.55 -35.62 -9.70
C5 ATP M . 1.52 -36.78 -8.95
C6 ATP M . 2.42 -37.87 -8.85
N6 ATP M . 3.55 -37.97 -9.54
N1 ATP M . 2.09 -38.87 -8.00
C2 ATP M . 0.95 -38.78 -7.31
N3 ATP M . 0.03 -37.81 -7.32
C4 ATP M . 0.38 -36.83 -8.16
P PO4 N . -5.28 -26.60 -15.18
O1 PO4 N . -5.17 -26.70 -13.68
O2 PO4 N . -3.95 -26.81 -15.86
O3 PO4 N . -6.27 -27.63 -15.69
O4 PO4 N . -5.77 -25.21 -15.55
S1 MPO O . -18.68 -12.72 -22.88
O1 MPO O . -18.28 -11.34 -22.77
O2 MPO O . -18.23 -13.59 -21.82
O4 MPO O . -14.85 -10.23 -28.76
N1 MPO O . -15.57 -11.56 -26.67
C1 MPO O . -18.00 -13.35 -24.38
O3 MPO O . -20.15 -12.82 -23.05
C2 MPO O . -17.55 -12.28 -25.35
C3 MPO O . -16.06 -12.29 -25.51
C4 MPO O . -16.18 -12.08 -27.90
C5 MPO O . -15.51 -11.46 -29.10
C6 MPO O . -15.69 -9.46 -27.90
C7 MPO O . -15.88 -10.13 -26.56
P PO4 P . -3.00 -29.33 -12.03
O1 PO4 P . -1.61 -29.26 -12.62
O2 PO4 P . -3.25 -30.71 -11.48
O3 PO4 P . -3.13 -28.31 -10.92
O4 PO4 P . -4.01 -29.04 -13.11
#